data_4II4
#
_entry.id   4II4
#
_cell.length_a   77.595
_cell.length_b   77.595
_cell.length_c   304.692
_cell.angle_alpha   90.000
_cell.angle_beta   90.000
_cell.angle_gamma   90.000
#
_symmetry.space_group_name_H-M   'P 41 21 2'
#
loop_
_entity.id
_entity.type
_entity.pdbx_description
1 polymer '1,2-phenylacetyl-CoA epoxidase, subunit A'
2 polymer '1,2-phenylacetyl-CoA epoxidase, subunit C'
3 non-polymer 'benzoyl coenzyme A'
4 water water
#
loop_
_entity_poly.entity_id
_entity_poly.type
_entity_poly.pdbx_seq_one_letter_code
_entity_poly.pdbx_strand_id
1 'polypeptide(L)'
;MRSTQEERFEQRIAQETAIEPQDWMPDAYRKTLIRQIGQHAHSEIVGMLPQGNWITRAPTLRRKAILLAQVQDEAGHGLY
LYSAAETLGCAREDIYQKMLDGRMKYSSIFNYPTLSWADIGVIGWLVDGAAIVNQVALCRTSYGPYARAMVKICKEESFH
QRQGFEACMALAQGSEAQKQMLQDAINRFWWPALMMFGPNDDNSPNSARSLTWKIKRFTNDELRQRFVDNTVPQVEMLGM
TVPDPDLHFDTESGHYRFGEIDWQEFNEVINGRGICNQERLDAKRKAWEEGTWVREAALAHAQKQHARKVA
;
A
2 'polypeptide(L)'
;MGSSHHHHHHGSNQLTAYTLRLGDNCLVLSQRLGEWCGHAPELEIDLALANIGLDLLGQARNFLSYAAELAGEGDEDTLA
FTRDERQFSNLLLVEQPNGNFADTIARQYFIDAWHVALFTRLMESRDPQLAAISAKAIKEARYHLRFSRGWLERLGNGTD
VSGQKMQQAINKLWRFTAELFDADEIDIALSEEGIAVDPRTLRAAWEAEVFAGINEATLNVPQEQAYRTGGKKGLHTEHL
GPMLAEMQYLQRVLPGQQW
;
B,C
#
loop_
_chem_comp.id
_chem_comp.type
_chem_comp.name
_chem_comp.formula
BYC non-polymer 'benzoyl coenzyme A' 'C28 H40 N7 O17 P3 S'
#
# COMPACT_ATOMS: atom_id res chain seq x y z
N MET A 1 -38.37 -12.41 -31.74
CA MET A 1 -37.23 -11.75 -32.35
C MET A 1 -36.71 -10.64 -31.44
N ARG A 2 -35.40 -10.63 -31.21
CA ARG A 2 -34.75 -9.44 -30.68
C ARG A 2 -34.93 -8.28 -31.64
N SER A 3 -35.05 -7.09 -31.08
CA SER A 3 -35.03 -5.83 -31.82
C SER A 3 -33.64 -5.52 -32.37
N THR A 4 -33.57 -4.57 -33.30
CA THR A 4 -32.28 -4.16 -33.89
C THR A 4 -31.30 -3.64 -32.85
N GLN A 5 -31.81 -2.87 -31.89
CA GLN A 5 -31.02 -2.40 -30.76
C GLN A 5 -30.42 -3.57 -29.98
N GLU A 6 -31.26 -4.58 -29.73
CA GLU A 6 -30.86 -5.75 -28.99
C GLU A 6 -29.78 -6.51 -29.76
N GLU A 7 -29.94 -6.62 -31.09
CA GLU A 7 -28.99 -7.38 -31.91
C GLU A 7 -27.59 -6.75 -32.04
N ARG A 8 -27.54 -5.44 -32.27
CA ARG A 8 -26.29 -4.69 -32.33
C ARG A 8 -25.50 -4.83 -31.03
N PHE A 9 -26.21 -4.71 -29.91
CA PHE A 9 -25.60 -4.89 -28.58
C PHE A 9 -24.95 -6.26 -28.43
N GLU A 10 -25.69 -7.31 -28.74
CA GLU A 10 -25.17 -8.67 -28.66
C GLU A 10 -23.91 -8.81 -29.50
N GLN A 11 -23.92 -8.19 -30.69
CA GLN A 11 -22.76 -8.24 -31.57
C GLN A 11 -21.58 -7.48 -30.98
N ARG A 12 -21.84 -6.36 -30.32
CA ARG A 12 -20.76 -5.61 -29.70
C ARG A 12 -20.10 -6.38 -28.56
N ILE A 13 -20.91 -7.05 -27.74
CA ILE A 13 -20.39 -7.85 -26.62
C ILE A 13 -19.55 -9.00 -27.10
N ALA A 14 -20.08 -9.72 -28.08
CA ALA A 14 -19.42 -10.86 -28.69
C ALA A 14 -18.06 -10.50 -29.29
N GLN A 15 -18.00 -9.30 -29.89
CA GLN A 15 -16.79 -8.86 -30.57
C GLN A 15 -15.78 -8.20 -29.63
N GLU A 16 -16.12 -8.13 -28.35
CA GLU A 16 -15.27 -7.54 -27.32
C GLU A 16 -15.04 -6.04 -27.48
N THR A 17 -15.98 -5.34 -28.11
CA THR A 17 -15.91 -3.89 -28.19
C THR A 17 -16.34 -3.35 -26.83
N ALA A 18 -15.46 -2.60 -26.17
CA ALA A 18 -15.77 -2.00 -24.86
C ALA A 18 -17.04 -1.15 -24.88
N ILE A 19 -17.90 -1.36 -23.89
CA ILE A 19 -19.08 -0.53 -23.72
C ILE A 19 -18.73 0.76 -22.98
N GLU A 20 -19.18 1.87 -23.55
CA GLU A 20 -18.83 3.18 -23.02
C GLU A 20 -20.10 3.89 -22.50
N PRO A 21 -19.94 4.94 -21.67
CA PRO A 21 -21.13 5.50 -21.00
C PRO A 21 -22.25 5.97 -21.94
N GLN A 22 -21.91 6.37 -23.17
CA GLN A 22 -22.89 6.94 -24.10
C GLN A 22 -23.50 5.91 -25.04
N ASP A 23 -22.99 4.68 -25.00
CA ASP A 23 -23.56 3.63 -25.82
C ASP A 23 -24.88 3.16 -25.21
N TRP A 24 -25.82 2.74 -26.05
CA TRP A 24 -27.05 2.09 -25.58
C TRP A 24 -26.81 0.78 -24.85
N MET A 25 -27.59 0.53 -23.80
CA MET A 25 -27.56 -0.75 -23.11
C MET A 25 -28.94 -1.11 -22.57
N PRO A 26 -29.26 -2.41 -22.51
CA PRO A 26 -30.49 -2.93 -21.88
C PRO A 26 -30.62 -2.48 -20.42
N ASP A 27 -31.85 -2.10 -20.02
CA ASP A 27 -32.12 -1.65 -18.66
C ASP A 27 -31.71 -2.67 -17.60
N ALA A 28 -31.83 -3.95 -17.91
CA ALA A 28 -31.41 -4.98 -16.96
C ALA A 28 -29.90 -5.07 -16.83
N TYR A 29 -29.20 -4.74 -17.92
CA TYR A 29 -27.73 -4.69 -17.94
C TYR A 29 -27.20 -3.49 -17.19
N ARG A 30 -27.78 -2.34 -17.50
CA ARG A 30 -27.53 -1.10 -16.76
C ARG A 30 -27.73 -1.34 -15.27
N LYS A 31 -28.89 -1.93 -14.94
CA LYS A 31 -29.26 -2.13 -13.56
C LYS A 31 -28.36 -3.16 -12.91
N THR A 32 -27.93 -4.18 -13.67
CA THR A 32 -27.02 -5.19 -13.12
C THR A 32 -25.59 -4.67 -13.00
N LEU A 33 -25.20 -3.70 -13.82
CA LEU A 33 -23.88 -3.10 -13.65
C LEU A 33 -23.88 -2.13 -12.49
N ILE A 34 -25.02 -1.47 -12.36
CA ILE A 34 -25.24 -0.61 -11.22
C ILE A 34 -25.28 -1.44 -9.94
N ARG A 35 -26.01 -2.55 -9.99
CA ARG A 35 -26.07 -3.52 -8.91
C ARG A 35 -24.68 -3.98 -8.45
N GLN A 36 -23.89 -4.55 -9.38
CA GLN A 36 -22.63 -5.18 -9.02
C GLN A 36 -21.53 -4.19 -8.60
N ILE A 37 -21.34 -3.14 -9.40
CA ILE A 37 -20.34 -2.11 -9.12
C ILE A 37 -20.63 -1.34 -7.84
N GLY A 38 -21.92 -1.07 -7.62
CA GLY A 38 -22.36 -0.34 -6.45
C GLY A 38 -22.03 -1.14 -5.21
N GLN A 39 -22.26 -2.44 -5.25
CA GLN A 39 -21.92 -3.32 -4.13
C GLN A 39 -20.41 -3.54 -3.98
N HIS A 40 -19.68 -3.44 -5.10
CA HIS A 40 -18.22 -3.49 -5.06
C HIS A 40 -17.65 -2.27 -4.32
N ALA A 41 -18.17 -1.10 -4.65
CA ALA A 41 -17.80 0.16 -4.02
C ALA A 41 -18.10 0.16 -2.50
N HIS A 42 -19.30 -0.29 -2.13
CA HIS A 42 -19.68 -0.44 -0.73
C HIS A 42 -18.71 -1.32 0.07
N SER A 43 -18.21 -2.38 -0.56
CA SER A 43 -17.35 -3.32 0.11
C SER A 43 -16.05 -2.63 0.48
N GLU A 44 -15.56 -1.74 -0.37
CA GLU A 44 -14.35 -0.98 -0.05
C GLU A 44 -14.57 -0.12 1.18
N ILE A 45 -15.78 0.37 1.34
CA ILE A 45 -16.09 1.26 2.46
C ILE A 45 -16.23 0.51 3.77
N VAL A 46 -17.07 -0.52 3.76
CA VAL A 46 -17.26 -1.32 4.95
C VAL A 46 -15.98 -2.01 5.41
N GLY A 47 -15.15 -2.40 4.45
CA GLY A 47 -13.88 -3.04 4.77
C GLY A 47 -12.92 -2.19 5.57
N MET A 48 -13.18 -0.89 5.63
CA MET A 48 -12.36 -0.02 6.45
C MET A 48 -12.54 -0.21 7.94
N LEU A 49 -13.68 -0.73 8.35
CA LEU A 49 -13.98 -0.77 9.78
C LEU A 49 -13.20 -1.90 10.46
N PRO A 50 -13.21 -3.11 9.86
CA PRO A 50 -12.49 -4.21 10.49
C PRO A 50 -11.00 -3.94 10.50
N GLN A 51 -10.51 -3.43 9.37
CA GLN A 51 -9.10 -3.10 9.28
C GLN A 51 -8.80 -1.91 10.17
N GLY A 52 -9.72 -0.93 10.23
CA GLY A 52 -9.48 0.25 11.05
C GLY A 52 -9.45 0.04 12.56
N ASN A 53 -10.14 -1.03 12.96
CA ASN A 53 -10.25 -1.53 14.33
C ASN A 53 -8.88 -1.80 14.98
N TRP A 54 -7.87 -2.10 14.16
CA TRP A 54 -6.56 -2.45 14.68
C TRP A 54 -5.51 -1.35 14.49
N ILE A 55 -5.89 -0.20 13.94
CA ILE A 55 -4.89 0.85 13.75
C ILE A 55 -4.19 1.29 15.03
N THR A 56 -4.97 1.62 16.06
CA THR A 56 -4.38 2.06 17.33
C THR A 56 -3.66 0.96 18.10
N ARG A 57 -3.87 -0.29 17.71
CA ARG A 57 -3.25 -1.37 18.47
C ARG A 57 -2.14 -2.08 17.71
N ALA A 58 -1.85 -1.65 16.49
CA ALA A 58 -0.87 -2.34 15.64
C ALA A 58 0.48 -2.40 16.33
N PRO A 59 1.09 -3.58 16.31
CA PRO A 59 2.23 -3.88 17.18
C PRO A 59 3.53 -3.15 16.88
N THR A 60 3.72 -2.69 15.65
CA THR A 60 4.89 -1.88 15.36
C THR A 60 4.50 -0.65 14.57
N LEU A 61 5.37 0.36 14.56
CA LEU A 61 5.07 1.55 13.77
C LEU A 61 5.00 1.28 12.27
N ARG A 62 5.86 0.38 11.81
CA ARG A 62 5.89 0.00 10.42
C ARG A 62 4.58 -0.65 9.94
N ARG A 63 4.10 -1.64 10.71
CA ARG A 63 2.86 -2.32 10.38
C ARG A 63 1.65 -1.44 10.53
N LYS A 64 1.76 -0.52 11.47
CA LYS A 64 0.73 0.45 11.70
C LYS A 64 0.63 1.40 10.50
N ALA A 65 1.79 1.81 9.97
CA ALA A 65 1.85 2.66 8.79
C ALA A 65 1.30 1.98 7.53
N ILE A 66 1.64 0.71 7.38
CA ILE A 66 1.19 -0.09 6.25
C ILE A 66 -0.33 -0.19 6.30
N LEU A 67 -0.83 -0.49 7.49
CA LEU A 67 -2.25 -0.63 7.72
C LEU A 67 -3.01 0.66 7.43
N LEU A 68 -2.40 1.78 7.81
CA LEU A 68 -2.99 3.09 7.55
C LEU A 68 -3.09 3.35 6.07
N ALA A 69 -1.98 3.09 5.38
CA ALA A 69 -1.90 3.18 3.93
C ALA A 69 -2.96 2.33 3.23
N GLN A 70 -3.13 1.10 3.71
CA GLN A 70 -4.06 0.14 3.15
C GLN A 70 -5.50 0.64 3.27
N VAL A 71 -5.81 1.20 4.44
CA VAL A 71 -7.14 1.74 4.73
C VAL A 71 -7.35 2.99 3.90
N GLN A 72 -6.26 3.69 3.64
CA GLN A 72 -6.32 4.89 2.80
C GLN A 72 -6.66 4.52 1.36
N ASP A 73 -6.08 3.43 0.89
CA ASP A 73 -6.30 2.98 -0.48
C ASP A 73 -7.75 2.54 -0.72
N GLU A 74 -8.30 1.81 0.25
CA GLU A 74 -9.70 1.38 0.19
C GLU A 74 -10.68 2.54 -0.01
N ALA A 75 -10.46 3.65 0.68
CA ALA A 75 -11.28 4.84 0.49
C ALA A 75 -11.19 5.33 -0.95
N GLY A 76 -9.96 5.39 -1.47
CA GLY A 76 -9.73 5.80 -2.84
C GLY A 76 -10.40 4.87 -3.82
N HIS A 77 -10.31 3.58 -3.55
CA HIS A 77 -10.98 2.57 -4.38
C HIS A 77 -12.50 2.70 -4.41
N GLY A 78 -13.08 3.04 -3.25
CA GLY A 78 -14.49 3.32 -3.17
C GLY A 78 -14.79 4.45 -4.13
N LEU A 79 -13.98 5.51 -4.08
CA LEU A 79 -14.16 6.65 -4.96
C LEU A 79 -14.15 6.31 -6.45
N TYR A 80 -13.18 5.52 -6.93
CA TYR A 80 -13.17 5.13 -8.34
C TYR A 80 -14.42 4.38 -8.70
N LEU A 81 -14.87 3.50 -7.80
CA LEU A 81 -15.99 2.66 -8.14
C LEU A 81 -17.30 3.44 -8.12
N TYR A 82 -17.44 4.33 -7.16
CA TYR A 82 -18.57 5.25 -7.17
C TYR A 82 -18.62 6.12 -8.43
N SER A 83 -17.46 6.65 -8.84
CA SER A 83 -17.37 7.40 -10.09
C SER A 83 -17.85 6.58 -11.26
N ALA A 84 -17.45 5.31 -11.29
CA ALA A 84 -17.77 4.40 -12.38
C ALA A 84 -19.27 4.09 -12.47
N ALA A 85 -19.88 3.91 -11.30
CA ALA A 85 -21.29 3.59 -11.20
C ALA A 85 -22.14 4.77 -11.67
N GLU A 86 -21.70 5.95 -11.29
CA GLU A 86 -22.34 7.19 -11.69
C GLU A 86 -22.43 7.37 -13.22
N THR A 87 -21.47 6.81 -13.95
CA THR A 87 -21.53 6.85 -15.42
C THR A 87 -22.75 6.13 -15.99
N LEU A 88 -23.32 5.23 -15.20
CA LEU A 88 -24.52 4.48 -15.56
C LEU A 88 -25.81 5.20 -15.20
N GLY A 89 -25.69 6.41 -14.65
CA GLY A 89 -26.84 7.25 -14.41
C GLY A 89 -27.41 7.22 -13.00
N CYS A 90 -26.76 6.45 -12.11
CA CYS A 90 -27.16 6.41 -10.71
C CYS A 90 -26.46 7.50 -9.90
N ALA A 91 -26.90 7.71 -8.66
CA ALA A 91 -26.31 8.70 -7.76
C ALA A 91 -25.58 8.03 -6.58
N ARG A 92 -24.34 8.44 -6.35
CA ARG A 92 -23.54 7.99 -5.22
C ARG A 92 -24.31 8.01 -3.90
N GLU A 93 -24.93 9.15 -3.62
CA GLU A 93 -25.70 9.39 -2.40
C GLU A 93 -26.90 8.45 -2.19
N ASP A 94 -27.60 8.13 -3.28
CA ASP A 94 -28.78 7.26 -3.26
C ASP A 94 -28.45 5.79 -3.01
N ILE A 95 -27.47 5.26 -3.72
CA ILE A 95 -27.05 3.88 -3.51
C ILE A 95 -26.42 3.67 -2.12
N TYR A 96 -25.76 4.70 -1.63
CA TYR A 96 -25.28 4.69 -0.26
C TYR A 96 -26.40 4.57 0.76
N GLN A 97 -27.47 5.33 0.58
CA GLN A 97 -28.62 5.21 1.45
C GLN A 97 -29.21 3.81 1.46
N LYS A 98 -29.36 3.24 0.27
CA LYS A 98 -29.83 1.86 0.12
C LYS A 98 -28.91 0.90 0.86
N MET A 99 -27.60 1.12 0.72
CA MET A 99 -26.63 0.36 1.51
C MET A 99 -26.91 0.48 3.01
N LEU A 100 -27.07 1.70 3.47
CA LEU A 100 -27.34 1.97 4.87
C LEU A 100 -28.65 1.33 5.33
N ASP A 101 -29.63 1.30 4.44
CA ASP A 101 -30.95 0.75 4.75
C ASP A 101 -30.98 -0.77 4.64
N GLY A 102 -29.90 -1.35 4.12
CA GLY A 102 -29.83 -2.79 3.95
C GLY A 102 -30.49 -3.25 2.66
N ARG A 103 -30.78 -2.30 1.78
CA ARG A 103 -31.41 -2.62 0.51
C ARG A 103 -30.38 -2.92 -0.57
N MET A 104 -29.13 -2.53 -0.33
CA MET A 104 -27.98 -3.03 -1.11
C MET A 104 -26.98 -3.75 -0.22
N LYS A 105 -26.28 -4.73 -0.79
CA LYS A 105 -25.29 -5.53 -0.06
C LYS A 105 -23.87 -4.96 0.01
N TYR A 106 -23.01 -5.57 0.82
CA TYR A 106 -21.56 -5.39 0.72
C TYR A 106 -20.92 -6.73 0.97
N SER A 107 -19.61 -6.82 0.75
CA SER A 107 -18.97 -8.13 0.78
C SER A 107 -19.13 -8.84 2.13
N SER A 108 -19.54 -10.10 2.07
CA SER A 108 -19.79 -10.94 3.24
C SER A 108 -18.63 -10.92 4.22
N ILE A 109 -17.41 -10.79 3.69
CA ILE A 109 -16.22 -10.92 4.52
C ILE A 109 -16.09 -9.86 5.62
N PHE A 110 -16.71 -8.71 5.44
CA PHE A 110 -16.56 -7.62 6.41
C PHE A 110 -17.53 -7.70 7.59
N ASN A 111 -18.31 -8.77 7.68
CA ASN A 111 -19.18 -8.97 8.82
C ASN A 111 -18.51 -9.89 9.80
N TYR A 112 -17.22 -10.10 9.59
CA TYR A 112 -16.43 -10.92 10.49
C TYR A 112 -15.51 -10.03 11.28
N PRO A 113 -15.33 -10.35 12.56
CA PRO A 113 -14.60 -9.49 13.48
C PRO A 113 -13.10 -9.70 13.45
N THR A 114 -12.37 -8.61 13.69
CA THR A 114 -10.93 -8.73 13.89
C THR A 114 -10.58 -8.95 15.37
N LEU A 115 -10.23 -10.18 15.74
CA LEU A 115 -10.00 -10.51 17.15
C LEU A 115 -8.53 -10.58 17.52
N SER A 116 -7.64 -10.36 16.56
CA SER A 116 -6.22 -10.39 16.82
C SER A 116 -5.51 -9.66 15.72
N TRP A 117 -4.27 -9.33 15.98
CA TRP A 117 -3.46 -8.71 14.96
C TRP A 117 -3.31 -9.62 13.75
N ALA A 118 -3.19 -10.91 14.01
CA ALA A 118 -3.08 -11.86 12.92
C ALA A 118 -4.21 -11.72 11.93
N ASP A 119 -5.43 -11.44 12.42
CA ASP A 119 -6.58 -11.15 11.55
C ASP A 119 -6.29 -10.07 10.53
N ILE A 120 -5.50 -9.08 10.94
CA ILE A 120 -5.17 -7.98 10.04
C ILE A 120 -4.27 -8.51 8.94
N GLY A 121 -3.28 -9.31 9.33
CA GLY A 121 -2.39 -9.87 8.33
C GLY A 121 -3.08 -10.88 7.42
N VAL A 122 -3.99 -11.67 7.98
CA VAL A 122 -4.76 -12.63 7.20
C VAL A 122 -5.71 -11.98 6.20
N ILE A 123 -6.32 -10.87 6.59
CA ILE A 123 -7.15 -10.13 5.65
C ILE A 123 -6.32 -9.59 4.50
N GLY A 124 -5.21 -8.94 4.83
CA GLY A 124 -4.30 -8.44 3.79
C GLY A 124 -3.84 -9.55 2.87
N TRP A 125 -3.51 -10.71 3.43
CA TRP A 125 -3.05 -11.82 2.61
C TRP A 125 -4.17 -12.58 1.86
N LEU A 126 -5.14 -13.15 2.60
CA LEU A 126 -6.21 -13.98 2.00
C LEU A 126 -7.39 -13.27 1.38
N VAL A 127 -7.89 -12.29 2.12
CA VAL A 127 -9.09 -11.58 1.73
C VAL A 127 -8.74 -10.74 0.52
N ASP A 128 -7.64 -10.00 0.58
CA ASP A 128 -7.16 -9.31 -0.62
C ASP A 128 -6.73 -10.32 -1.68
N GLY A 129 -6.20 -11.46 -1.25
CA GLY A 129 -5.85 -12.52 -2.18
C GLY A 129 -7.05 -12.90 -3.03
N ALA A 130 -8.20 -13.08 -2.39
CA ALA A 130 -9.44 -13.45 -3.06
C ALA A 130 -10.00 -12.30 -3.92
N ALA A 131 -9.91 -11.08 -3.42
CA ALA A 131 -10.33 -9.89 -4.16
C ALA A 131 -9.57 -9.80 -5.48
N ILE A 132 -8.27 -10.01 -5.41
CA ILE A 132 -7.42 -9.86 -6.59
C ILE A 132 -7.77 -10.83 -7.71
N VAL A 133 -7.94 -12.09 -7.36
CA VAL A 133 -8.34 -13.08 -8.35
C VAL A 133 -9.62 -12.67 -9.06
N ASN A 134 -10.62 -12.32 -8.27
CA ASN A 134 -11.90 -11.85 -8.80
C ASN A 134 -11.75 -10.61 -9.66
N GLN A 135 -11.00 -9.64 -9.14
CA GLN A 135 -10.83 -8.34 -9.77
C GLN A 135 -9.94 -8.38 -11.01
N VAL A 136 -8.90 -9.20 -11.00
CA VAL A 136 -8.08 -9.37 -12.19
C VAL A 136 -8.94 -9.97 -13.29
N ALA A 137 -9.79 -10.91 -12.88
CA ALA A 137 -10.77 -11.51 -13.77
C ALA A 137 -11.76 -10.50 -14.39
N LEU A 138 -11.94 -9.37 -13.72
CA LEU A 138 -12.87 -8.34 -14.18
C LEU A 138 -12.17 -7.27 -15.02
N CYS A 139 -10.86 -7.37 -15.16
CA CYS A 139 -10.11 -6.46 -16.04
C CYS A 139 -10.48 -6.61 -17.51
N ARG A 140 -11.17 -7.70 -17.84
CA ARG A 140 -11.74 -7.87 -19.18
C ARG A 140 -13.27 -7.91 -19.18
N THR A 141 -13.89 -7.43 -18.09
CA THR A 141 -15.35 -7.24 -18.05
C THR A 141 -15.84 -6.37 -19.21
N SER A 142 -17.06 -6.62 -19.66
CA SER A 142 -17.55 -6.03 -20.92
C SER A 142 -17.81 -4.52 -20.80
N TYR A 143 -18.03 -4.03 -19.58
CA TYR A 143 -18.31 -2.60 -19.43
C TYR A 143 -17.04 -1.82 -19.17
N GLY A 144 -16.71 -0.96 -20.12
CA GLY A 144 -15.43 -0.27 -20.20
C GLY A 144 -14.96 0.38 -18.91
N PRO A 145 -15.75 1.33 -18.39
CA PRO A 145 -15.43 2.03 -17.13
C PRO A 145 -15.09 1.08 -15.96
N TYR A 146 -15.79 -0.05 -15.88
CA TYR A 146 -15.58 -1.04 -14.82
C TYR A 146 -14.24 -1.74 -15.03
N ALA A 147 -14.02 -2.21 -16.24
CA ALA A 147 -12.75 -2.85 -16.62
C ALA A 147 -11.57 -1.91 -16.34
N ARG A 148 -11.73 -0.62 -16.64
CA ARG A 148 -10.63 0.34 -16.43
C ARG A 148 -10.38 0.65 -14.97
N ALA A 149 -11.43 0.64 -14.16
CA ALA A 149 -11.27 0.76 -12.71
C ALA A 149 -10.54 -0.43 -12.09
N MET A 150 -10.82 -1.62 -12.60
CA MET A 150 -10.18 -2.84 -12.13
C MET A 150 -8.70 -2.88 -12.46
N VAL A 151 -8.34 -2.44 -13.66
CA VAL A 151 -6.94 -2.32 -14.06
C VAL A 151 -6.20 -1.37 -13.12
N LYS A 152 -6.79 -0.20 -12.90
CA LYS A 152 -6.23 0.86 -12.07
C LYS A 152 -6.00 0.31 -10.67
N ILE A 153 -6.97 -0.46 -10.20
CA ILE A 153 -7.00 -0.90 -8.82
C ILE A 153 -6.04 -2.07 -8.55
N CYS A 154 -5.98 -3.02 -9.48
CA CYS A 154 -5.17 -4.20 -9.26
C CYS A 154 -3.67 -3.92 -9.22
N LYS A 155 -3.26 -2.89 -9.97
CA LYS A 155 -1.87 -2.45 -9.97
C LYS A 155 -1.40 -2.11 -8.56
N GLU A 156 -2.17 -1.27 -7.89
CA GLU A 156 -1.86 -0.84 -6.54
C GLU A 156 -2.08 -1.89 -5.45
N GLU A 157 -3.17 -2.66 -5.56
CA GLU A 157 -3.60 -3.58 -4.50
C GLU A 157 -2.70 -4.81 -4.29
N SER A 158 -2.08 -5.28 -5.37
CA SER A 158 -1.20 -6.45 -5.27
C SER A 158 0.04 -6.23 -4.41
N PHE A 159 0.52 -5.01 -4.41
CA PHE A 159 1.58 -4.56 -3.52
C PHE A 159 1.20 -4.78 -2.04
N HIS A 160 0.02 -4.30 -1.68
CA HIS A 160 -0.47 -4.33 -0.30
C HIS A 160 -0.78 -5.74 0.21
N GLN A 161 -1.25 -6.57 -0.70
CA GLN A 161 -1.43 -8.00 -0.47
C GLN A 161 -0.10 -8.64 -0.11
N ARG A 162 0.91 -8.31 -0.88
CA ARG A 162 2.27 -8.76 -0.58
C ARG A 162 2.75 -8.35 0.81
N GLN A 163 2.54 -7.08 1.15
CA GLN A 163 2.86 -6.58 2.48
C GLN A 163 2.08 -7.29 3.57
N GLY A 164 0.81 -7.58 3.30
CA GLY A 164 -0.03 -8.30 4.24
C GLY A 164 0.52 -9.68 4.44
N PHE A 165 0.96 -10.29 3.36
CA PHE A 165 1.60 -11.60 3.44
C PHE A 165 2.89 -11.55 4.27
N GLU A 166 3.68 -10.51 4.09
CA GLU A 166 4.93 -10.38 4.81
C GLU A 166 4.72 -10.29 6.33
N ALA A 167 3.63 -9.66 6.74
CA ALA A 167 3.26 -9.60 8.15
C ALA A 167 2.93 -10.99 8.67
N CYS A 168 2.22 -11.76 7.85
CA CYS A 168 1.98 -13.16 8.14
C CYS A 168 3.24 -14.02 8.25
N MET A 169 4.18 -13.82 7.34
CA MET A 169 5.43 -14.58 7.36
C MET A 169 6.16 -14.34 8.69
N ALA A 170 6.19 -13.08 9.12
CA ALA A 170 6.74 -12.69 10.42
C ALA A 170 6.18 -13.46 11.60
N LEU A 171 4.87 -13.58 11.66
CA LEU A 171 4.25 -14.40 12.68
C LEU A 171 4.66 -15.86 12.52
N ALA A 172 4.71 -16.33 11.29
CA ALA A 172 5.08 -17.71 11.00
C ALA A 172 6.53 -18.03 11.36
N GLN A 173 7.39 -17.03 11.36
CA GLN A 173 8.78 -17.25 11.69
C GLN A 173 9.06 -16.76 13.11
N GLY A 174 8.01 -16.33 13.78
CA GLY A 174 8.13 -15.69 15.07
C GLY A 174 8.02 -16.64 16.25
N SER A 175 7.50 -16.14 17.36
CA SER A 175 7.41 -16.97 18.55
C SER A 175 6.33 -18.01 18.35
N GLU A 176 6.31 -19.00 19.23
CA GLU A 176 5.28 -20.02 19.23
C GLU A 176 3.91 -19.36 19.33
N ALA A 177 3.80 -18.40 20.26
CA ALA A 177 2.57 -17.64 20.46
C ALA A 177 2.08 -16.91 19.23
N GLN A 178 3.02 -16.34 18.49
CA GLN A 178 2.73 -15.67 17.23
C GLN A 178 2.21 -16.65 16.18
N LYS A 179 2.84 -17.81 16.11
CA LYS A 179 2.44 -18.87 15.18
C LYS A 179 1.01 -19.35 15.43
N GLN A 180 0.69 -19.55 16.70
CA GLN A 180 -0.63 -19.97 17.15
C GLN A 180 -1.65 -18.92 16.76
N MET A 181 -1.25 -17.66 16.93
CA MET A 181 -2.09 -16.53 16.59
C MET A 181 -2.47 -16.55 15.13
N LEU A 182 -1.47 -16.72 14.27
CA LEU A 182 -1.68 -16.80 12.83
C LEU A 182 -2.65 -17.90 12.41
N GLN A 183 -2.40 -19.11 12.91
CA GLN A 183 -3.20 -20.28 12.57
C GLN A 183 -4.66 -20.05 12.91
N ASP A 184 -4.91 -19.42 14.05
CA ASP A 184 -6.28 -19.15 14.49
C ASP A 184 -7.00 -18.18 13.53
N ALA A 185 -6.28 -17.17 13.10
CA ALA A 185 -6.82 -16.20 12.15
C ALA A 185 -7.17 -16.87 10.85
N ILE A 186 -6.26 -17.69 10.38
CA ILE A 186 -6.55 -18.53 9.21
C ILE A 186 -7.77 -19.41 9.41
N ASN A 187 -7.81 -20.09 10.54
CA ASN A 187 -8.91 -20.97 10.88
C ASN A 187 -10.25 -20.22 10.87
N ARG A 188 -10.21 -18.93 11.19
CA ARG A 188 -11.43 -18.12 11.26
C ARG A 188 -11.76 -17.44 9.93
N PHE A 189 -10.76 -17.23 9.08
CA PHE A 189 -10.98 -16.51 7.82
C PHE A 189 -10.99 -17.31 6.52
N TRP A 190 -10.59 -18.57 6.59
CA TRP A 190 -10.46 -19.38 5.38
C TRP A 190 -11.79 -19.55 4.61
N TRP A 191 -12.80 -20.10 5.27
CA TRP A 191 -14.06 -20.34 4.59
C TRP A 191 -14.77 -19.04 4.19
N PRO A 192 -14.77 -18.02 5.07
CA PRO A 192 -15.28 -16.70 4.67
C PRO A 192 -14.58 -16.14 3.44
N ALA A 193 -13.29 -16.36 3.33
CA ALA A 193 -12.56 -15.92 2.15
C ALA A 193 -13.08 -16.68 0.92
N LEU A 194 -13.29 -17.99 1.05
CA LEU A 194 -13.85 -18.76 -0.07
C LEU A 194 -15.24 -18.29 -0.48
N MET A 195 -16.01 -17.81 0.49
CA MET A 195 -17.38 -17.35 0.24
C MET A 195 -17.44 -16.01 -0.50
N MET A 196 -16.32 -15.30 -0.52
CA MET A 196 -16.25 -14.04 -1.25
C MET A 196 -16.51 -14.18 -2.75
N PHE A 197 -16.23 -15.36 -3.30
CA PHE A 197 -16.47 -15.63 -4.72
C PHE A 197 -17.92 -15.89 -5.13
N GLY A 198 -18.80 -16.06 -4.15
CA GLY A 198 -20.23 -16.15 -4.40
C GLY A 198 -20.77 -17.57 -4.32
N PRO A 199 -22.08 -17.75 -4.60
CA PRO A 199 -22.70 -19.09 -4.59
C PRO A 199 -22.20 -20.02 -5.69
N ASN A 200 -22.52 -21.29 -5.53
CA ASN A 200 -22.34 -22.32 -6.54
C ASN A 200 -22.89 -21.95 -7.91
N ASP A 201 -22.41 -22.64 -8.95
CA ASP A 201 -22.82 -22.36 -10.33
C ASP A 201 -24.28 -22.67 -10.56
N ASP A 202 -24.84 -23.54 -9.72
CA ASP A 202 -26.27 -23.81 -9.79
C ASP A 202 -27.15 -23.11 -8.75
N ASN A 203 -26.56 -22.20 -7.97
CA ASN A 203 -27.34 -21.36 -7.07
C ASN A 203 -27.09 -19.88 -7.26
N SER A 204 -26.90 -19.43 -8.50
CA SER A 204 -26.47 -18.06 -8.75
C SER A 204 -27.34 -17.38 -9.80
N PRO A 205 -28.38 -16.66 -9.34
CA PRO A 205 -29.43 -16.16 -10.25
C PRO A 205 -28.95 -15.07 -11.21
N ASN A 206 -27.94 -14.31 -10.82
CA ASN A 206 -27.45 -13.22 -11.67
C ASN A 206 -26.46 -13.71 -12.74
N SER A 207 -25.98 -14.93 -12.55
CA SER A 207 -24.89 -15.49 -13.35
C SER A 207 -25.27 -15.74 -14.81
N ALA A 208 -26.48 -16.27 -14.99
CA ALA A 208 -26.99 -16.60 -16.31
C ALA A 208 -26.87 -15.45 -17.30
N ARG A 209 -27.43 -14.30 -16.94
CA ARG A 209 -27.37 -13.11 -17.76
C ARG A 209 -25.97 -12.49 -17.86
N SER A 210 -25.25 -12.44 -16.74
CA SER A 210 -23.92 -11.84 -16.70
C SER A 210 -22.83 -12.52 -17.56
N LEU A 211 -22.80 -13.86 -17.55
CA LEU A 211 -21.85 -14.60 -18.37
C LEU A 211 -22.17 -14.39 -19.82
N THR A 212 -23.45 -14.50 -20.13
CA THR A 212 -23.95 -14.28 -21.48
C THR A 212 -23.54 -12.87 -21.91
N TRP A 213 -23.67 -11.91 -20.99
CA TRP A 213 -23.36 -10.51 -21.31
C TRP A 213 -21.89 -10.17 -21.09
N LYS A 214 -21.13 -11.21 -20.79
CA LYS A 214 -19.68 -11.12 -20.59
C LYS A 214 -19.26 -10.07 -19.54
N ILE A 215 -20.08 -9.89 -18.52
CA ILE A 215 -19.76 -9.05 -17.35
C ILE A 215 -18.88 -9.86 -16.45
N LYS A 216 -19.34 -11.08 -16.20
CA LYS A 216 -18.61 -12.02 -15.38
C LYS A 216 -17.94 -12.91 -16.42
N ARG A 217 -16.63 -12.98 -16.34
CA ARG A 217 -15.86 -13.75 -17.32
C ARG A 217 -15.59 -15.17 -16.89
N PHE A 218 -15.54 -15.39 -15.58
CA PHE A 218 -15.34 -16.73 -15.06
C PHE A 218 -16.40 -17.02 -14.01
N THR A 219 -16.85 -18.27 -13.91
CA THR A 219 -17.91 -18.58 -12.96
C THR A 219 -17.34 -18.47 -11.56
N ASN A 220 -18.21 -18.22 -10.59
CA ASN A 220 -17.84 -18.17 -9.18
C ASN A 220 -17.02 -19.39 -8.77
N ASP A 221 -17.48 -20.58 -9.16
CA ASP A 221 -16.79 -21.80 -8.79
C ASP A 221 -15.41 -21.87 -9.44
N GLU A 222 -15.32 -21.37 -10.67
CA GLU A 222 -14.05 -21.32 -11.39
C GLU A 222 -13.03 -20.42 -10.69
N LEU A 223 -13.46 -19.22 -10.32
CA LEU A 223 -12.60 -18.28 -9.61
C LEU A 223 -12.16 -18.82 -8.25
N ARG A 224 -13.09 -19.41 -7.51
CA ARG A 224 -12.78 -20.00 -6.21
C ARG A 224 -11.69 -21.07 -6.27
N GLN A 225 -11.80 -21.96 -7.27
CA GLN A 225 -10.81 -23.01 -7.52
C GLN A 225 -9.42 -22.46 -7.83
N ARG A 226 -9.36 -21.39 -8.62
CA ARG A 226 -8.07 -20.77 -8.98
C ARG A 226 -7.38 -20.19 -7.76
N PHE A 227 -8.17 -19.52 -6.93
CA PHE A 227 -7.68 -19.01 -5.66
C PHE A 227 -7.17 -20.09 -4.73
N VAL A 228 -7.96 -21.13 -4.54
CA VAL A 228 -7.54 -22.25 -3.70
C VAL A 228 -6.22 -22.84 -4.22
N ASP A 229 -6.17 -23.12 -5.53
CA ASP A 229 -4.97 -23.63 -6.18
C ASP A 229 -3.75 -22.73 -5.94
N ASN A 230 -3.95 -21.42 -6.03
CA ASN A 230 -2.88 -20.45 -5.81
C ASN A 230 -2.49 -20.26 -4.36
N THR A 231 -3.47 -20.40 -3.45
CA THR A 231 -3.23 -20.00 -2.09
C THR A 231 -2.73 -21.12 -1.19
N VAL A 232 -3.09 -22.36 -1.49
CA VAL A 232 -2.63 -23.47 -0.66
C VAL A 232 -1.11 -23.50 -0.54
N PRO A 233 -0.40 -23.31 -1.67
CA PRO A 233 1.05 -23.28 -1.56
C PRO A 233 1.54 -22.11 -0.72
N GLN A 234 0.80 -21.00 -0.68
CA GLN A 234 1.17 -19.90 0.21
C GLN A 234 0.96 -20.26 1.68
N VAL A 235 -0.12 -21.00 1.97
CA VAL A 235 -0.31 -21.51 3.31
C VAL A 235 0.83 -22.45 3.68
N GLU A 236 1.25 -23.27 2.72
CA GLU A 236 2.35 -24.20 2.97
C GLU A 236 3.63 -23.46 3.30
N MET A 237 3.94 -22.42 2.54
CA MET A 237 5.09 -21.55 2.80
C MET A 237 5.18 -20.98 4.20
N LEU A 238 4.01 -20.74 4.78
CA LEU A 238 3.93 -20.23 6.14
C LEU A 238 4.01 -21.34 7.17
N GLY A 239 4.11 -22.58 6.73
CA GLY A 239 4.04 -23.66 7.67
C GLY A 239 2.72 -23.75 8.40
N MET A 240 1.64 -23.35 7.74
CA MET A 240 0.33 -23.32 8.37
C MET A 240 -0.61 -24.43 7.83
N THR A 241 -1.79 -24.57 8.43
CA THR A 241 -2.79 -25.51 7.92
C THR A 241 -4.06 -24.78 7.45
N VAL A 242 -4.87 -25.49 6.68
CA VAL A 242 -6.18 -25.02 6.27
C VAL A 242 -7.19 -25.86 7.07
N PRO A 243 -8.19 -25.21 7.68
CA PRO A 243 -9.22 -25.94 8.42
C PRO A 243 -10.20 -26.74 7.56
N ASP A 244 -9.68 -27.64 6.72
CA ASP A 244 -10.51 -28.38 5.79
C ASP A 244 -10.01 -29.82 5.67
N PRO A 245 -10.60 -30.73 6.46
CA PRO A 245 -10.31 -32.16 6.45
C PRO A 245 -10.51 -32.79 5.09
N ASP A 246 -11.29 -32.16 4.23
CA ASP A 246 -11.55 -32.74 2.93
C ASP A 246 -10.65 -32.19 1.86
N LEU A 247 -9.81 -31.24 2.22
CA LEU A 247 -8.85 -30.72 1.27
C LEU A 247 -7.80 -31.77 0.93
N HIS A 248 -7.67 -32.05 -0.36
CA HIS A 248 -6.64 -32.95 -0.87
C HIS A 248 -6.37 -32.63 -2.34
N PHE A 249 -5.17 -32.93 -2.80
CA PHE A 249 -4.86 -32.76 -4.22
C PHE A 249 -5.31 -33.90 -5.12
N ASP A 250 -5.91 -33.56 -6.27
CA ASP A 250 -6.32 -34.52 -7.31
C ASP A 250 -5.44 -34.44 -8.55
N THR A 251 -4.46 -35.35 -8.64
CA THR A 251 -3.52 -35.43 -9.75
C THR A 251 -4.22 -35.55 -11.12
N GLU A 252 -5.35 -36.24 -11.14
CA GLU A 252 -6.10 -36.44 -12.38
C GLU A 252 -6.51 -35.13 -13.03
N SER A 253 -6.92 -34.17 -12.21
CA SER A 253 -7.38 -32.90 -12.73
C SER A 253 -6.31 -31.79 -12.67
N GLY A 254 -5.35 -31.95 -11.76
CA GLY A 254 -4.30 -30.96 -11.58
C GLY A 254 -4.75 -29.88 -10.62
N HIS A 255 -5.87 -30.14 -9.96
CA HIS A 255 -6.42 -29.17 -9.02
C HIS A 255 -6.52 -29.74 -7.62
N TYR A 256 -6.62 -28.83 -6.65
CA TYR A 256 -7.02 -29.15 -5.28
C TYR A 256 -8.52 -29.39 -5.13
N ARG A 257 -8.89 -30.49 -4.51
CA ARG A 257 -10.27 -30.78 -4.13
C ARG A 257 -10.56 -30.34 -2.70
N PHE A 258 -11.66 -29.61 -2.49
CA PHE A 258 -11.95 -29.12 -1.14
C PHE A 258 -13.39 -29.37 -0.70
N GLY A 259 -13.60 -29.29 0.60
CA GLY A 259 -14.88 -29.60 1.22
C GLY A 259 -15.98 -28.64 0.80
N GLU A 260 -17.20 -29.00 1.16
CA GLU A 260 -18.36 -28.19 0.83
C GLU A 260 -18.37 -26.96 1.72
N ILE A 261 -18.63 -25.80 1.12
CA ILE A 261 -18.85 -24.56 1.86
C ILE A 261 -20.12 -24.66 2.68
N ASP A 262 -20.09 -24.08 3.87
CA ASP A 262 -21.31 -23.91 4.65
C ASP A 262 -22.16 -22.82 4.00
N TRP A 263 -23.06 -23.25 3.11
CA TRP A 263 -23.96 -22.34 2.42
C TRP A 263 -25.06 -21.74 3.28
N GLN A 264 -25.39 -22.42 4.37
CA GLN A 264 -26.39 -21.97 5.34
C GLN A 264 -25.86 -20.75 6.10
N GLU A 265 -24.59 -20.82 6.50
CA GLU A 265 -23.93 -19.68 7.11
C GLU A 265 -23.95 -18.47 6.17
N PHE A 266 -23.58 -18.73 4.92
CA PHE A 266 -23.50 -17.70 3.89
C PHE A 266 -24.82 -16.95 3.70
N ASN A 267 -25.92 -17.69 3.63
CA ASN A 267 -27.26 -17.12 3.54
C ASN A 267 -27.68 -16.30 4.77
N GLU A 268 -27.28 -16.78 5.94
CA GLU A 268 -27.43 -16.00 7.17
C GLU A 268 -26.74 -14.63 7.02
N VAL A 269 -25.52 -14.66 6.51
CA VAL A 269 -24.67 -13.47 6.41
C VAL A 269 -25.29 -12.43 5.49
N ILE A 270 -25.72 -12.85 4.30
CA ILE A 270 -26.17 -11.89 3.30
C ILE A 270 -27.50 -11.23 3.66
N ASN A 271 -28.31 -11.91 4.47
CA ASN A 271 -29.52 -11.31 5.02
C ASN A 271 -29.34 -10.56 6.33
N GLY A 272 -28.10 -10.22 6.69
CA GLY A 272 -27.89 -9.32 7.81
C GLY A 272 -27.73 -9.94 9.18
N ARG A 273 -27.56 -11.26 9.23
CA ARG A 273 -27.52 -11.97 10.52
C ARG A 273 -26.20 -12.69 10.79
N GLY A 274 -25.11 -12.10 10.33
CA GLY A 274 -23.78 -12.61 10.58
C GLY A 274 -23.28 -11.99 11.88
N ILE A 275 -21.98 -12.10 12.13
CA ILE A 275 -21.40 -11.65 13.40
C ILE A 275 -21.35 -10.13 13.60
N CYS A 276 -20.97 -9.38 12.57
CA CYS A 276 -20.81 -7.94 12.77
C CYS A 276 -21.72 -7.07 11.94
N ASN A 277 -22.66 -7.68 11.21
CA ASN A 277 -23.54 -6.93 10.31
C ASN A 277 -24.13 -5.70 10.96
N GLN A 278 -24.76 -5.91 12.11
CA GLN A 278 -25.39 -4.84 12.85
C GLN A 278 -24.40 -3.74 13.25
N GLU A 279 -23.26 -4.13 13.80
CA GLU A 279 -22.22 -3.19 14.20
C GLU A 279 -21.68 -2.39 13.00
N ARG A 280 -21.46 -3.08 11.90
CA ARG A 280 -20.92 -2.43 10.70
C ARG A 280 -21.87 -1.36 10.20
N LEU A 281 -23.14 -1.71 10.05
CA LEU A 281 -24.11 -0.75 9.56
C LEU A 281 -24.42 0.35 10.57
N ASP A 282 -24.44 0.01 11.87
CA ASP A 282 -24.62 1.00 12.91
C ASP A 282 -23.50 2.01 12.86
N ALA A 283 -22.27 1.53 12.73
CA ALA A 283 -21.14 2.44 12.65
C ALA A 283 -21.30 3.39 11.47
N LYS A 284 -21.72 2.84 10.33
CA LYS A 284 -21.91 3.61 9.11
C LYS A 284 -23.10 4.58 9.19
N ARG A 285 -24.18 4.10 9.82
CA ARG A 285 -25.36 4.92 10.12
C ARG A 285 -25.03 6.08 11.04
N LYS A 286 -24.29 5.76 12.10
CA LYS A 286 -23.82 6.74 13.08
C LYS A 286 -22.90 7.78 12.41
N ALA A 287 -21.97 7.32 11.58
CA ALA A 287 -21.08 8.24 10.86
C ALA A 287 -21.85 9.22 10.00
N TRP A 288 -22.81 8.70 9.24
CA TRP A 288 -23.64 9.52 8.36
C TRP A 288 -24.48 10.53 9.13
N GLU A 289 -25.24 10.02 10.09
CA GLU A 289 -26.17 10.86 10.84
C GLU A 289 -25.50 11.94 11.69
N GLU A 290 -24.47 11.55 12.45
CA GLU A 290 -23.72 12.48 13.33
C GLU A 290 -22.91 13.44 12.47
N GLY A 291 -22.70 13.07 11.21
CA GLY A 291 -21.94 13.89 10.28
C GLY A 291 -22.83 14.90 9.53
N THR A 292 -24.15 14.76 9.66
CA THR A 292 -25.09 15.60 8.93
C THR A 292 -24.79 17.10 9.04
N TRP A 293 -24.56 17.55 10.26
CA TRP A 293 -24.28 18.96 10.51
C TRP A 293 -23.01 19.47 9.81
N VAL A 294 -22.03 18.59 9.60
CA VAL A 294 -20.78 18.97 8.93
C VAL A 294 -21.02 19.23 7.44
N ARG A 295 -21.78 18.33 6.82
CA ARG A 295 -22.15 18.43 5.41
C ARG A 295 -23.03 19.65 5.13
N GLU A 296 -23.92 19.96 6.07
CA GLU A 296 -24.80 21.12 5.93
C GLU A 296 -24.01 22.43 6.03
N ALA A 297 -23.04 22.45 6.93
CA ALA A 297 -22.07 23.54 7.05
C ALA A 297 -21.29 23.70 5.75
N ALA A 298 -20.82 22.57 5.24
CA ALA A 298 -19.99 22.49 4.04
C ALA A 298 -20.74 23.02 2.82
N LEU A 299 -22.02 22.70 2.75
CA LEU A 299 -22.88 23.12 1.67
C LEU A 299 -23.10 24.63 1.72
N ALA A 300 -23.41 25.14 2.90
CA ALA A 300 -23.67 26.57 3.06
C ALA A 300 -22.45 27.45 2.78
N HIS A 301 -21.25 26.92 2.97
CA HIS A 301 -20.02 27.68 2.72
C HIS A 301 -19.74 27.66 1.23
N ALA A 302 -20.05 26.53 0.62
CA ALA A 302 -19.85 26.33 -0.81
C ALA A 302 -20.70 27.36 -1.54
N GLN A 303 -21.90 27.58 -1.01
CA GLN A 303 -22.87 28.44 -1.63
C GLN A 303 -22.41 29.90 -1.59
N LYS A 304 -21.73 30.26 -0.52
CA LYS A 304 -21.27 31.63 -0.34
C LYS A 304 -20.25 32.03 -1.41
N SER B 12 33.79 0.50 -1.54
CA SER B 12 32.60 1.07 -0.90
C SER B 12 31.87 1.98 -1.87
N ASN B 13 32.61 2.89 -2.50
CA ASN B 13 32.06 3.69 -3.56
C ASN B 13 31.68 2.77 -4.71
N GLN B 14 32.42 1.67 -4.82
CA GLN B 14 32.16 0.66 -5.84
C GLN B 14 31.08 -0.35 -5.44
N LEU B 15 31.08 -0.74 -4.17
CA LEU B 15 30.04 -1.64 -3.65
C LEU B 15 28.65 -1.02 -3.68
N THR B 16 28.58 0.26 -3.31
CA THR B 16 27.34 1.01 -3.39
C THR B 16 26.84 0.94 -4.81
N ALA B 17 27.72 1.31 -5.73
CA ALA B 17 27.41 1.32 -7.14
C ALA B 17 27.08 -0.10 -7.60
N TYR B 18 27.82 -1.07 -7.09
CA TYR B 18 27.60 -2.47 -7.44
C TYR B 18 26.22 -2.90 -6.99
N THR B 19 25.88 -2.52 -5.76
CA THR B 19 24.63 -2.90 -5.16
C THR B 19 23.46 -2.23 -5.85
N LEU B 20 23.66 -0.95 -6.16
CA LEU B 20 22.67 -0.18 -6.88
C LEU B 20 22.28 -0.70 -8.25
N ARG B 21 23.26 -1.17 -9.02
CA ARG B 21 23.05 -1.70 -10.37
C ARG B 21 22.10 -2.85 -10.32
N LEU B 22 22.35 -3.75 -9.39
CA LEU B 22 21.54 -4.94 -9.22
C LEU B 22 20.13 -4.52 -8.81
N GLY B 23 20.04 -3.49 -7.98
CA GLY B 23 18.76 -2.91 -7.63
C GLY B 23 18.06 -2.32 -8.84
N ASP B 24 18.81 -1.59 -9.66
CA ASP B 24 18.23 -0.96 -10.85
C ASP B 24 17.67 -1.98 -11.83
N ASN B 25 18.42 -3.05 -12.01
CA ASN B 25 18.02 -4.16 -12.85
C ASN B 25 16.62 -4.63 -12.45
N CYS B 26 16.51 -4.98 -11.16
CA CYS B 26 15.25 -5.49 -10.59
C CYS B 26 14.14 -4.47 -10.56
N LEU B 27 14.49 -3.24 -10.25
CA LEU B 27 13.47 -2.20 -10.13
C LEU B 27 12.81 -1.89 -11.44
N VAL B 28 13.63 -1.70 -12.48
CA VAL B 28 13.17 -1.33 -13.80
C VAL B 28 12.32 -2.44 -14.40
N LEU B 29 12.82 -3.66 -14.26
CA LEU B 29 12.08 -4.84 -14.69
C LEU B 29 10.73 -4.99 -13.96
N SER B 30 10.70 -4.69 -12.67
CA SER B 30 9.44 -4.76 -11.91
C SER B 30 8.42 -3.75 -12.44
N GLN B 31 8.90 -2.53 -12.75
CA GLN B 31 8.06 -1.54 -13.42
C GLN B 31 7.46 -2.05 -14.73
N ARG B 32 8.31 -2.62 -15.56
CA ARG B 32 7.88 -3.20 -16.83
C ARG B 32 6.79 -4.26 -16.65
N LEU B 33 7.05 -5.21 -15.77
CA LEU B 33 6.10 -6.27 -15.42
C LEU B 33 4.78 -5.73 -14.88
N GLY B 34 4.86 -4.63 -14.14
CA GLY B 34 3.69 -3.95 -13.65
C GLY B 34 2.72 -3.47 -14.73
N GLU B 35 3.28 -3.11 -15.90
CA GLU B 35 2.47 -2.65 -17.03
C GLU B 35 1.55 -3.71 -17.63
N TRP B 36 1.87 -4.96 -17.34
CA TRP B 36 1.09 -6.11 -17.79
C TRP B 36 -0.20 -6.38 -17.03
N CYS B 37 -0.32 -5.81 -15.85
CA CYS B 37 -1.46 -6.09 -14.97
C CYS B 37 -2.80 -5.83 -15.67
N GLY B 38 -3.55 -6.91 -15.87
CA GLY B 38 -4.84 -6.87 -16.53
C GLY B 38 -4.87 -7.05 -18.04
N HIS B 39 -3.70 -7.09 -18.68
CA HIS B 39 -3.62 -7.15 -20.15
C HIS B 39 -3.02 -8.45 -20.68
N ALA B 40 -2.68 -9.38 -19.79
CA ALA B 40 -2.05 -10.65 -20.16
C ALA B 40 -3.06 -11.60 -20.81
N PRO B 41 -2.60 -12.49 -21.69
CA PRO B 41 -3.56 -13.32 -22.45
C PRO B 41 -4.43 -14.24 -21.58
N GLU B 42 -3.98 -14.56 -20.38
CA GLU B 42 -4.73 -15.45 -19.50
C GLU B 42 -4.55 -15.05 -18.05
N LEU B 43 -5.64 -15.20 -17.30
CA LEU B 43 -5.67 -14.95 -15.85
C LEU B 43 -4.44 -15.47 -15.13
N GLU B 44 -4.16 -16.76 -15.30
CA GLU B 44 -3.02 -17.40 -14.68
C GLU B 44 -1.70 -16.72 -15.04
N ILE B 45 -1.58 -16.29 -16.28
CA ILE B 45 -0.37 -15.58 -16.70
C ILE B 45 -0.26 -14.24 -15.98
N ASP B 46 -1.37 -13.49 -15.98
CA ASP B 46 -1.42 -12.20 -15.29
C ASP B 46 -1.00 -12.27 -13.82
N LEU B 47 -1.62 -13.20 -13.10
CA LEU B 47 -1.36 -13.41 -11.68
C LEU B 47 0.10 -13.78 -11.43
N ALA B 48 0.66 -14.59 -12.32
CA ALA B 48 2.04 -15.01 -12.17
C ALA B 48 2.99 -13.86 -12.48
N LEU B 49 2.63 -13.07 -13.49
CA LEU B 49 3.44 -11.91 -13.85
C LEU B 49 3.47 -10.85 -12.75
N ALA B 50 2.32 -10.58 -12.15
CA ALA B 50 2.23 -9.63 -11.05
C ALA B 50 3.10 -10.03 -9.87
N ASN B 51 2.98 -11.31 -9.51
CA ASN B 51 3.73 -11.91 -8.40
C ASN B 51 5.24 -11.76 -8.63
N ILE B 52 5.68 -12.02 -9.87
CA ILE B 52 7.09 -11.87 -10.24
C ILE B 52 7.60 -10.42 -10.14
N GLY B 53 6.79 -9.48 -10.58
CA GLY B 53 7.09 -8.07 -10.44
C GLY B 53 7.42 -7.71 -8.99
N LEU B 54 6.59 -8.19 -8.07
CA LEU B 54 6.76 -7.83 -6.66
C LEU B 54 8.01 -8.43 -6.03
N ASP B 55 8.30 -9.68 -6.34
CA ASP B 55 9.55 -10.29 -5.91
C ASP B 55 10.71 -9.39 -6.36
N LEU B 56 10.70 -9.01 -7.63
CA LEU B 56 11.77 -8.18 -8.16
C LEU B 56 11.72 -6.80 -7.52
N LEU B 57 10.51 -6.31 -7.31
CA LEU B 57 10.30 -5.07 -6.57
C LEU B 57 10.90 -5.22 -5.17
N GLY B 58 10.54 -6.33 -4.54
CA GLY B 58 11.03 -6.66 -3.21
C GLY B 58 12.54 -6.79 -3.16
N GLN B 59 13.10 -7.44 -4.18
CA GLN B 59 14.54 -7.55 -4.33
C GLN B 59 15.18 -6.17 -4.53
N ALA B 60 14.57 -5.35 -5.36
CA ALA B 60 15.06 -3.99 -5.58
C ALA B 60 15.10 -3.12 -4.33
N ARG B 61 14.08 -3.18 -3.48
CA ARG B 61 14.08 -2.38 -2.26
C ARG B 61 15.17 -2.86 -1.29
N ASN B 62 15.48 -4.16 -1.33
CA ASN B 62 16.57 -4.68 -0.52
C ASN B 62 17.91 -4.10 -0.98
N PHE B 63 18.18 -4.17 -2.28
CA PHE B 63 19.42 -3.62 -2.86
C PHE B 63 19.55 -2.11 -2.68
N LEU B 64 18.46 -1.42 -2.94
CA LEU B 64 18.43 0.02 -2.84
C LEU B 64 18.68 0.57 -1.42
N SER B 65 18.00 -0.04 -0.44
CA SER B 65 18.16 0.31 0.97
C SER B 65 19.59 0.12 1.44
N TYR B 66 20.23 -0.94 0.96
CA TYR B 66 21.64 -1.18 1.30
C TYR B 66 22.51 -0.08 0.70
N ALA B 67 22.27 0.21 -0.58
CA ALA B 67 22.94 1.32 -1.25
C ALA B 67 22.78 2.65 -0.48
N ALA B 68 21.60 2.85 0.11
CA ALA B 68 21.36 4.03 0.95
C ALA B 68 22.08 4.03 2.31
N GLU B 69 22.21 2.87 2.94
CA GLU B 69 22.97 2.78 4.16
C GLU B 69 24.42 3.12 3.81
N LEU B 70 24.94 2.45 2.78
CA LEU B 70 26.32 2.62 2.31
C LEU B 70 26.66 4.05 1.88
N ALA B 71 25.72 4.72 1.19
CA ALA B 71 25.94 6.08 0.73
C ALA B 71 25.81 7.07 1.88
N GLY B 72 25.06 6.65 2.90
CA GLY B 72 24.82 7.40 4.12
C GLY B 72 23.85 8.57 4.01
N GLU B 73 23.06 8.58 2.94
CA GLU B 73 22.04 9.61 2.75
C GLU B 73 20.95 9.14 1.79
N GLY B 74 19.79 9.78 1.88
CA GLY B 74 18.64 9.42 1.06
C GLY B 74 18.12 8.03 1.43
N ASP B 75 17.31 7.44 0.56
CA ASP B 75 16.72 6.14 0.84
C ASP B 75 16.11 5.44 -0.39
N GLU B 76 15.46 4.30 -0.13
CA GLU B 76 14.64 3.56 -1.10
C GLU B 76 13.90 4.46 -2.08
N ASP B 77 13.22 5.48 -1.55
CA ASP B 77 12.28 6.28 -2.32
C ASP B 77 12.98 7.36 -3.14
N THR B 78 13.97 8.02 -2.54
CA THR B 78 14.81 8.96 -3.28
C THR B 78 15.45 8.26 -4.47
N LEU B 79 15.88 7.03 -4.25
CA LEU B 79 16.54 6.28 -5.31
C LEU B 79 15.55 5.91 -6.41
N ALA B 80 14.33 5.55 -6.03
CA ALA B 80 13.37 5.13 -7.05
C ALA B 80 12.82 6.27 -7.91
N PHE B 81 12.52 7.40 -7.27
CA PHE B 81 11.68 8.43 -7.89
C PHE B 81 12.42 9.73 -8.15
N THR B 82 13.61 9.87 -7.59
CA THR B 82 14.32 11.12 -7.76
C THR B 82 15.61 11.04 -8.58
N ARG B 83 15.96 9.85 -9.05
CA ARG B 83 17.04 9.72 -10.01
C ARG B 83 16.43 9.78 -11.40
N ASP B 84 17.07 10.50 -12.31
CA ASP B 84 16.64 10.45 -13.71
C ASP B 84 17.50 9.43 -14.47
N GLU B 85 17.30 9.34 -15.78
CA GLU B 85 17.86 8.26 -16.60
C GLU B 85 19.38 8.06 -16.52
N ARG B 86 20.14 9.17 -16.48
CA ARG B 86 21.61 9.11 -16.50
C ARG B 86 22.24 8.62 -15.19
N GLN B 87 21.46 8.58 -14.12
CA GLN B 87 21.92 8.13 -12.83
C GLN B 87 21.56 6.65 -12.62
N PHE B 88 20.73 6.13 -13.51
CA PHE B 88 20.36 4.71 -13.51
C PHE B 88 21.42 3.84 -14.17
N SER B 89 21.69 2.67 -13.62
CA SER B 89 22.72 1.79 -14.16
C SER B 89 22.28 0.34 -14.41
N ASN B 90 21.00 0.17 -14.74
CA ASN B 90 20.43 -1.13 -15.05
C ASN B 90 20.99 -1.70 -16.36
N LEU B 91 20.97 -3.02 -16.52
CA LEU B 91 21.26 -3.63 -17.81
C LEU B 91 20.23 -3.16 -18.81
N LEU B 92 20.66 -3.00 -20.07
CA LEU B 92 19.79 -2.49 -21.11
C LEU B 92 18.65 -3.47 -21.40
N LEU B 93 18.89 -4.75 -21.17
CA LEU B 93 17.87 -5.76 -21.41
C LEU B 93 16.56 -5.45 -20.65
N VAL B 94 16.69 -4.98 -19.41
CA VAL B 94 15.53 -4.80 -18.55
C VAL B 94 14.70 -3.57 -18.96
N GLU B 95 15.31 -2.61 -19.64
CA GLU B 95 14.57 -1.41 -20.01
C GLU B 95 13.81 -1.53 -21.33
N GLN B 96 13.98 -2.66 -22.01
CA GLN B 96 13.25 -2.94 -23.27
C GLN B 96 11.75 -2.95 -23.06
N PRO B 97 10.98 -2.54 -24.08
CA PRO B 97 9.53 -2.52 -23.91
C PRO B 97 8.97 -3.92 -23.73
N ASN B 98 7.77 -4.04 -23.17
CA ASN B 98 7.14 -5.34 -23.04
C ASN B 98 6.96 -6.06 -24.38
N GLY B 99 6.62 -5.30 -25.41
CA GLY B 99 6.34 -5.86 -26.73
C GLY B 99 5.20 -6.85 -26.60
N ASN B 100 5.24 -7.97 -27.33
CA ASN B 100 4.21 -8.97 -27.10
C ASN B 100 4.64 -9.88 -25.96
N PHE B 101 3.77 -10.83 -25.60
CA PHE B 101 4.05 -11.80 -24.53
C PHE B 101 5.38 -12.53 -24.83
N ALA B 102 5.61 -12.82 -26.11
CA ALA B 102 6.81 -13.52 -26.55
C ALA B 102 8.02 -12.65 -26.24
N ASP B 103 7.94 -11.39 -26.63
CA ASP B 103 9.01 -10.43 -26.42
C ASP B 103 9.30 -10.34 -24.94
N THR B 104 8.23 -10.38 -24.17
CA THR B 104 8.31 -10.34 -22.73
C THR B 104 8.91 -11.59 -22.14
N ILE B 105 8.49 -12.75 -22.64
CA ILE B 105 9.03 -14.01 -22.17
C ILE B 105 10.54 -14.13 -22.42
N ALA B 106 10.98 -13.74 -23.62
CA ALA B 106 12.39 -13.81 -23.97
C ALA B 106 13.21 -12.94 -23.02
N ARG B 107 12.72 -11.73 -22.78
CA ARG B 107 13.38 -10.80 -21.88
C ARG B 107 13.46 -11.43 -20.49
N GLN B 108 12.32 -11.97 -20.08
CA GLN B 108 12.19 -12.58 -18.77
C GLN B 108 13.16 -13.72 -18.67
N TYR B 109 13.17 -14.55 -19.70
CA TYR B 109 13.98 -15.78 -19.72
C TYR B 109 15.47 -15.50 -19.63
N PHE B 110 15.94 -14.57 -20.43
CA PHE B 110 17.33 -14.16 -20.45
C PHE B 110 17.82 -13.63 -19.10
N ILE B 111 16.97 -12.86 -18.44
CA ILE B 111 17.28 -12.27 -17.15
C ILE B 111 17.10 -13.24 -15.98
N ASP B 112 16.09 -14.11 -16.07
CA ASP B 112 15.89 -15.14 -15.07
C ASP B 112 17.08 -16.07 -14.96
N ALA B 113 17.57 -16.51 -16.11
CA ALA B 113 18.75 -17.37 -16.18
C ALA B 113 19.96 -16.65 -15.58
N TRP B 114 20.09 -15.35 -15.88
CA TRP B 114 21.15 -14.53 -15.31
C TRP B 114 20.99 -14.35 -13.81
N HIS B 115 19.77 -14.08 -13.36
CA HIS B 115 19.57 -13.90 -11.92
C HIS B 115 19.89 -15.20 -11.16
N VAL B 116 19.35 -16.32 -11.63
CA VAL B 116 19.63 -17.63 -11.04
C VAL B 116 21.12 -17.96 -10.93
N ALA B 117 21.82 -17.89 -12.06
CA ALA B 117 23.25 -18.18 -12.16
C ALA B 117 24.00 -17.25 -11.24
N LEU B 118 23.62 -15.99 -11.27
CA LEU B 118 24.25 -14.97 -10.45
C LEU B 118 24.01 -15.26 -8.98
N PHE B 119 22.75 -15.40 -8.58
CA PHE B 119 22.42 -15.59 -7.16
C PHE B 119 22.86 -16.94 -6.59
N THR B 120 22.88 -17.96 -7.45
CA THR B 120 23.43 -19.28 -7.14
C THR B 120 24.87 -19.17 -6.74
N ARG B 121 25.58 -18.39 -7.54
CA ARG B 121 27.03 -18.14 -7.41
C ARG B 121 27.22 -17.15 -6.26
N LEU B 122 26.33 -16.13 -6.19
CA LEU B 122 26.32 -15.01 -5.21
C LEU B 122 26.03 -15.37 -3.74
N MET B 123 25.35 -16.49 -3.51
CA MET B 123 25.09 -16.94 -2.13
C MET B 123 26.30 -17.51 -1.42
N GLU B 124 27.48 -17.15 -1.90
CA GLU B 124 28.72 -17.46 -1.20
C GLU B 124 29.52 -16.17 -1.13
N SER B 125 28.87 -15.04 -1.42
CA SER B 125 29.52 -13.74 -1.29
C SER B 125 29.99 -13.47 0.15
N ARG B 126 31.11 -12.75 0.27
CA ARG B 126 31.61 -12.32 1.57
C ARG B 126 30.86 -11.16 2.22
N ASP B 127 30.02 -10.48 1.47
CA ASP B 127 29.15 -9.46 2.07
C ASP B 127 27.87 -10.10 2.62
N PRO B 128 27.69 -10.06 3.95
CA PRO B 128 26.55 -10.69 4.62
C PRO B 128 25.22 -10.16 4.10
N GLN B 129 25.16 -8.85 3.85
CA GLN B 129 23.95 -8.24 3.33
C GLN B 129 23.69 -8.79 1.93
N LEU B 130 24.74 -8.87 1.13
CA LEU B 130 24.63 -9.39 -0.23
C LEU B 130 24.25 -10.87 -0.19
N ALA B 131 24.84 -11.58 0.77
CA ALA B 131 24.52 -12.98 1.00
C ALA B 131 23.06 -13.17 1.44
N ALA B 132 22.61 -12.32 2.36
CA ALA B 132 21.24 -12.40 2.87
C ALA B 132 20.22 -12.17 1.77
N ILE B 133 20.42 -11.06 1.06
CA ILE B 133 19.60 -10.66 -0.08
C ILE B 133 19.53 -11.79 -1.12
N SER B 134 20.67 -12.42 -1.38
CA SER B 134 20.77 -13.43 -2.42
C SER B 134 20.02 -14.67 -1.97
N ALA B 135 20.06 -14.92 -0.66
CA ALA B 135 19.39 -16.08 -0.08
C ALA B 135 17.87 -15.95 -0.21
N LYS B 136 17.37 -14.70 -0.17
CA LYS B 136 15.95 -14.50 -0.42
C LYS B 136 15.66 -14.48 -1.91
N ALA B 137 16.57 -13.89 -2.68
CA ALA B 137 16.41 -13.74 -4.13
C ALA B 137 16.51 -15.06 -4.89
N ILE B 138 17.43 -15.94 -4.47
CA ILE B 138 17.65 -17.19 -5.17
C ILE B 138 16.40 -18.09 -5.14
N LYS B 139 15.68 -18.07 -4.02
CA LYS B 139 14.45 -18.83 -3.87
C LYS B 139 13.45 -18.38 -4.96
N GLU B 140 13.34 -17.06 -5.12
CA GLU B 140 12.42 -16.48 -6.07
C GLU B 140 12.84 -16.73 -7.52
N ALA B 141 14.14 -16.57 -7.79
CA ALA B 141 14.66 -16.66 -9.15
C ALA B 141 14.42 -18.04 -9.78
N ARG B 142 14.54 -19.10 -8.99
CA ARG B 142 14.22 -20.44 -9.48
C ARG B 142 12.79 -20.56 -9.99
N TYR B 143 11.85 -19.94 -9.29
CA TYR B 143 10.46 -19.97 -9.77
C TYR B 143 10.29 -19.17 -11.05
N HIS B 144 10.94 -18.00 -11.11
CA HIS B 144 10.87 -17.19 -12.32
C HIS B 144 11.37 -17.96 -13.55
N LEU B 145 12.49 -18.64 -13.35
CA LEU B 145 13.11 -19.42 -14.39
C LEU B 145 12.21 -20.54 -14.89
N ARG B 146 11.62 -21.29 -13.95
CA ARG B 146 10.68 -22.36 -14.26
C ARG B 146 9.53 -21.81 -15.10
N PHE B 147 9.04 -20.65 -14.68
CA PHE B 147 7.96 -19.97 -15.35
C PHE B 147 8.32 -19.64 -16.80
N SER B 148 9.45 -18.97 -16.99
CA SER B 148 9.79 -18.43 -18.30
C SER B 148 10.22 -19.49 -19.31
N ARG B 149 11.13 -20.38 -18.91
CA ARG B 149 11.44 -21.54 -19.73
C ARG B 149 10.15 -22.28 -20.05
N GLY B 150 9.27 -22.39 -19.05
CA GLY B 150 8.00 -23.08 -19.22
C GLY B 150 7.20 -22.42 -20.32
N TRP B 151 7.08 -21.10 -20.29
CA TRP B 151 6.33 -20.37 -21.30
C TRP B 151 7.08 -20.31 -22.62
N LEU B 152 8.41 -20.37 -22.53
CA LEU B 152 9.25 -20.49 -23.71
C LEU B 152 8.89 -21.77 -24.47
N GLU B 153 8.88 -22.90 -23.77
CA GLU B 153 8.51 -24.17 -24.40
C GLU B 153 7.12 -24.20 -25.02
N ARG B 154 6.12 -23.79 -24.25
CA ARG B 154 4.75 -23.84 -24.72
C ARG B 154 4.55 -22.99 -25.98
N LEU B 155 5.15 -21.80 -25.97
CA LEU B 155 5.06 -20.89 -27.13
C LEU B 155 5.89 -21.30 -28.37
N GLY B 156 7.10 -21.82 -28.14
CA GLY B 156 7.94 -22.33 -29.20
C GLY B 156 7.41 -23.56 -29.93
N ASN B 157 6.84 -24.48 -29.16
CA ASN B 157 6.33 -25.74 -29.67
C ASN B 157 4.92 -25.64 -30.20
N GLY B 158 4.44 -24.41 -30.31
CA GLY B 158 3.09 -24.17 -30.71
C GLY B 158 2.71 -23.93 -32.17
N THR B 159 1.72 -23.08 -32.36
CA THR B 159 0.97 -22.98 -33.62
C THR B 159 1.72 -22.75 -34.96
N ASP B 160 2.99 -22.37 -34.87
CA ASP B 160 3.88 -21.90 -35.98
C ASP B 160 3.98 -20.36 -35.94
N VAL B 161 2.86 -19.65 -35.99
CA VAL B 161 2.81 -18.20 -35.81
C VAL B 161 3.39 -17.84 -34.44
N SER B 162 3.06 -18.64 -33.44
CA SER B 162 3.61 -18.45 -32.11
C SER B 162 5.13 -18.64 -32.05
N GLY B 163 5.65 -19.55 -32.85
CA GLY B 163 7.09 -19.78 -32.88
C GLY B 163 7.94 -18.69 -33.54
N GLN B 164 7.48 -18.18 -34.67
CA GLN B 164 8.07 -16.98 -35.29
C GLN B 164 8.12 -15.81 -34.30
N LYS B 165 7.00 -15.49 -33.65
CA LYS B 165 6.99 -14.37 -32.69
C LYS B 165 8.03 -14.65 -31.61
N MET B 166 8.10 -15.88 -31.11
CA MET B 166 9.14 -16.21 -30.15
C MET B 166 10.50 -16.06 -30.81
N GLN B 167 10.64 -16.58 -32.02
CA GLN B 167 11.88 -16.43 -32.77
C GLN B 167 12.20 -14.95 -32.99
N GLN B 168 11.18 -14.16 -33.39
CA GLN B 168 11.38 -12.72 -33.61
C GLN B 168 11.75 -12.03 -32.31
N ALA B 169 11.08 -12.43 -31.23
CA ALA B 169 11.36 -11.93 -29.89
C ALA B 169 12.79 -12.17 -29.44
N ILE B 170 13.25 -13.39 -29.65
CA ILE B 170 14.61 -13.78 -29.32
C ILE B 170 15.68 -13.04 -30.15
N ASN B 171 15.45 -12.93 -31.45
CA ASN B 171 16.33 -12.20 -32.35
C ASN B 171 16.53 -10.73 -32.00
N LYS B 172 15.45 -10.03 -31.68
CA LYS B 172 15.52 -8.60 -31.39
C LYS B 172 16.33 -8.34 -30.11
N LEU B 173 16.23 -9.24 -29.14
CA LEU B 173 16.83 -8.98 -27.83
C LEU B 173 18.26 -9.52 -27.67
N TRP B 174 18.70 -10.38 -28.59
CA TRP B 174 20.01 -11.02 -28.46
C TRP B 174 21.17 -10.00 -28.30
N ARG B 175 21.01 -8.83 -28.90
CA ARG B 175 22.03 -7.79 -28.91
C ARG B 175 22.33 -7.23 -27.52
N PHE B 176 21.43 -7.47 -26.58
CA PHE B 176 21.59 -6.93 -25.24
C PHE B 176 22.21 -7.96 -24.30
N THR B 177 22.66 -9.09 -24.85
CA THR B 177 23.10 -10.21 -24.01
C THR B 177 24.57 -10.19 -23.64
N ALA B 178 25.38 -9.50 -24.43
CA ALA B 178 26.80 -9.42 -24.09
C ALA B 178 27.02 -8.62 -22.81
N GLU B 179 26.19 -7.60 -22.58
CA GLU B 179 26.30 -6.78 -21.38
C GLU B 179 26.16 -7.52 -20.04
N LEU B 180 25.46 -8.65 -20.05
CA LEU B 180 25.31 -9.51 -18.88
C LEU B 180 26.63 -10.07 -18.36
N PHE B 181 27.63 -10.11 -19.23
CA PHE B 181 28.91 -10.75 -18.95
C PHE B 181 30.04 -9.74 -19.06
N ASP B 182 29.67 -8.46 -19.09
CA ASP B 182 30.66 -7.40 -19.07
C ASP B 182 31.17 -7.19 -17.66
N ALA B 183 32.48 -7.01 -17.54
CA ALA B 183 33.08 -6.66 -16.27
C ALA B 183 33.71 -5.28 -16.36
N ASP B 184 33.31 -4.42 -15.44
CA ASP B 184 33.87 -3.08 -15.33
C ASP B 184 34.85 -2.98 -14.18
N GLU B 185 35.34 -1.77 -13.93
CA GLU B 185 36.35 -1.55 -12.91
C GLU B 185 35.88 -2.11 -11.57
N ILE B 186 34.58 -1.94 -11.34
CA ILE B 186 33.90 -2.41 -10.14
C ILE B 186 33.79 -3.93 -10.00
N ASP B 187 33.23 -4.59 -11.02
CA ASP B 187 33.18 -6.05 -11.06
C ASP B 187 34.53 -6.66 -10.72
N ILE B 188 35.59 -6.23 -11.38
CA ILE B 188 36.91 -6.81 -11.15
C ILE B 188 37.38 -6.63 -9.71
N ALA B 189 37.38 -5.38 -9.22
CA ALA B 189 37.89 -5.09 -7.88
C ALA B 189 37.09 -5.78 -6.77
N LEU B 190 35.76 -5.70 -6.85
CA LEU B 190 34.89 -6.35 -5.88
C LEU B 190 34.87 -7.90 -5.98
N SER B 191 35.08 -8.44 -7.18
CA SER B 191 35.20 -9.89 -7.38
C SER B 191 36.41 -10.50 -6.71
N GLU B 192 37.57 -9.86 -6.93
CA GLU B 192 38.81 -10.32 -6.32
C GLU B 192 38.92 -10.08 -4.81
N GLU B 193 37.88 -9.47 -4.26
CA GLU B 193 37.69 -9.38 -2.82
C GLU B 193 36.73 -10.51 -2.40
N GLY B 194 36.18 -11.21 -3.40
CA GLY B 194 35.21 -12.26 -3.14
C GLY B 194 33.80 -11.76 -2.86
N ILE B 195 33.60 -10.47 -3.08
CA ILE B 195 32.31 -9.81 -2.85
C ILE B 195 31.39 -9.90 -4.07
N ALA B 196 31.94 -9.58 -5.24
CA ALA B 196 31.16 -9.53 -6.48
C ALA B 196 31.40 -10.75 -7.36
N VAL B 197 30.42 -11.06 -8.20
CA VAL B 197 30.56 -12.08 -9.22
C VAL B 197 31.11 -11.53 -10.54
N ASP B 198 32.22 -12.09 -11.02
CA ASP B 198 32.72 -11.75 -12.35
C ASP B 198 31.72 -12.25 -13.38
N PRO B 199 31.03 -11.32 -14.06
CA PRO B 199 29.93 -11.66 -14.97
C PRO B 199 30.36 -12.51 -16.15
N ARG B 200 31.64 -12.43 -16.53
CA ARG B 200 32.21 -13.23 -17.61
C ARG B 200 32.05 -14.71 -17.27
N THR B 201 32.07 -15.03 -15.98
CA THR B 201 32.09 -16.43 -15.52
C THR B 201 30.69 -17.08 -15.55
N LEU B 202 29.70 -16.32 -16.00
CA LEU B 202 28.32 -16.79 -16.07
C LEU B 202 27.89 -17.22 -17.46
N ARG B 203 28.78 -17.07 -18.44
CA ARG B 203 28.44 -17.30 -19.84
C ARG B 203 28.15 -18.75 -20.22
N ALA B 204 29.02 -19.68 -19.82
CA ALA B 204 28.79 -21.09 -20.14
C ALA B 204 27.51 -21.63 -19.52
N ALA B 205 27.23 -21.23 -18.30
CA ALA B 205 26.03 -21.67 -17.60
C ALA B 205 24.76 -21.07 -18.18
N TRP B 206 24.82 -19.80 -18.52
CA TRP B 206 23.68 -19.11 -19.13
C TRP B 206 23.36 -19.72 -20.49
N GLU B 207 24.41 -19.90 -21.30
CA GLU B 207 24.29 -20.43 -22.65
C GLU B 207 23.76 -21.86 -22.66
N ALA B 208 24.34 -22.70 -21.79
CA ALA B 208 23.92 -24.09 -21.62
C ALA B 208 22.42 -24.14 -21.42
N GLU B 209 21.93 -23.23 -20.59
CA GLU B 209 20.51 -23.09 -20.29
C GLU B 209 19.79 -22.62 -21.52
N VAL B 210 20.19 -21.46 -22.03
CA VAL B 210 19.46 -20.79 -23.11
C VAL B 210 19.57 -21.56 -24.41
N PHE B 211 20.76 -22.07 -24.72
CA PHE B 211 20.92 -22.88 -25.93
C PHE B 211 20.01 -24.09 -25.82
N ALA B 212 20.00 -24.73 -24.66
CA ALA B 212 19.16 -25.91 -24.49
C ALA B 212 17.69 -25.58 -24.54
N GLY B 213 17.34 -24.44 -23.92
CA GLY B 213 15.97 -23.99 -23.90
C GLY B 213 15.43 -23.47 -25.21
N ILE B 214 16.26 -22.78 -25.99
CA ILE B 214 15.81 -22.27 -27.29
C ILE B 214 15.55 -23.41 -28.26
N ASN B 215 16.46 -24.38 -28.30
CA ASN B 215 16.32 -25.55 -29.15
C ASN B 215 15.21 -26.47 -28.68
N GLU B 216 15.14 -26.68 -27.37
CA GLU B 216 14.03 -27.41 -26.77
C GLU B 216 12.68 -26.80 -27.14
N ALA B 217 12.67 -25.50 -27.39
CA ALA B 217 11.47 -24.82 -27.86
C ALA B 217 11.29 -24.99 -29.37
N THR B 218 12.21 -25.75 -29.98
CA THR B 218 12.26 -26.02 -31.43
C THR B 218 12.78 -24.85 -32.26
N LEU B 219 13.35 -23.85 -31.60
CA LEU B 219 13.76 -22.60 -32.26
C LEU B 219 15.28 -22.51 -32.43
N ASN B 220 15.73 -21.55 -33.23
CA ASN B 220 17.14 -21.38 -33.55
C ASN B 220 17.77 -20.23 -32.75
N VAL B 221 18.99 -20.47 -32.28
CA VAL B 221 19.81 -19.42 -31.65
C VAL B 221 20.34 -18.40 -32.63
N PRO B 222 20.05 -17.10 -32.38
CA PRO B 222 20.61 -16.05 -33.23
C PRO B 222 22.11 -16.05 -33.08
N GLN B 223 22.80 -15.86 -34.19
CA GLN B 223 24.23 -15.77 -34.18
C GLN B 223 24.61 -14.88 -35.33
N GLU B 224 25.30 -13.77 -35.07
CA GLU B 224 25.75 -13.29 -33.77
C GLU B 224 26.28 -11.95 -34.18
N GLN B 225 26.04 -10.90 -33.42
CA GLN B 225 26.34 -9.60 -33.99
C GLN B 225 26.61 -8.53 -32.96
N ALA B 226 26.68 -7.30 -33.43
CA ALA B 226 26.83 -6.12 -32.58
C ALA B 226 25.98 -6.19 -31.33
N TYR B 227 26.60 -5.86 -30.20
CA TYR B 227 25.92 -5.91 -28.93
C TYR B 227 25.86 -4.49 -28.39
N ARG B 228 24.70 -4.14 -27.86
CA ARG B 228 24.49 -2.80 -27.30
C ARG B 228 24.88 -2.79 -25.83
N THR B 229 25.69 -1.80 -25.48
CA THR B 229 26.26 -1.68 -24.15
C THR B 229 26.17 -0.26 -23.62
N GLY B 230 26.39 -0.10 -22.32
CA GLY B 230 26.35 1.24 -21.74
C GLY B 230 25.41 1.44 -20.58
N GLY B 231 24.49 0.50 -20.36
CA GLY B 231 23.53 0.61 -19.28
C GLY B 231 24.21 0.79 -17.93
N LYS B 232 25.27 0.03 -17.70
CA LYS B 232 26.00 0.05 -16.43
C LYS B 232 26.72 1.39 -16.23
N LYS B 233 26.94 2.11 -17.33
CA LYS B 233 27.60 3.40 -17.27
C LYS B 233 26.66 4.59 -17.47
N GLY B 234 25.35 4.37 -17.29
CA GLY B 234 24.39 5.46 -17.37
C GLY B 234 24.09 5.88 -18.77
N LEU B 235 24.35 5.00 -19.72
CA LEU B 235 24.11 5.27 -21.13
C LEU B 235 22.99 4.40 -21.68
N HIS B 236 21.78 4.96 -21.77
CA HIS B 236 20.64 4.11 -22.05
C HIS B 236 20.10 4.21 -23.46
N THR B 237 19.22 3.28 -23.80
CA THR B 237 18.45 3.36 -25.02
C THR B 237 17.39 4.47 -24.88
N GLU B 238 16.61 4.65 -25.94
CA GLU B 238 15.52 5.62 -25.94
C GLU B 238 14.37 5.25 -25.01
N HIS B 239 14.41 4.04 -24.47
CA HIS B 239 13.29 3.46 -23.73
C HIS B 239 13.16 3.79 -22.25
N LEU B 240 14.29 4.06 -21.62
CA LEU B 240 14.30 4.26 -20.16
C LEU B 240 13.74 5.59 -19.67
N GLY B 241 14.09 6.67 -20.36
CA GLY B 241 13.63 8.01 -20.05
C GLY B 241 12.13 8.11 -19.90
N PRO B 242 11.39 7.79 -20.97
CA PRO B 242 9.92 7.76 -20.95
C PRO B 242 9.28 6.92 -19.85
N MET B 243 9.83 5.75 -19.54
CA MET B 243 9.26 4.89 -18.50
C MET B 243 9.34 5.52 -17.13
N LEU B 244 10.47 6.18 -16.88
CA LEU B 244 10.71 6.84 -15.60
C LEU B 244 9.71 7.98 -15.37
N ALA B 245 9.38 8.69 -16.44
CA ALA B 245 8.37 9.72 -16.37
C ALA B 245 7.05 9.15 -15.92
N GLU B 246 6.74 8.00 -16.50
CA GLU B 246 5.52 7.26 -16.09
C GLU B 246 5.45 6.76 -14.65
N MET B 247 6.52 6.21 -14.10
CA MET B 247 6.45 5.90 -12.66
C MET B 247 6.29 7.19 -11.80
N GLN B 248 7.41 7.87 -11.49
CA GLN B 248 7.42 9.23 -10.86
C GLN B 248 6.06 9.85 -10.65
N TYR B 249 5.36 10.09 -11.80
CA TYR B 249 4.00 10.57 -11.86
C TYR B 249 3.10 10.10 -10.70
N LEU B 250 3.15 8.80 -10.36
CA LEU B 250 2.45 8.21 -9.21
C LEU B 250 2.55 9.03 -7.93
N SER C 12 24.14 15.53 23.70
CA SER C 12 23.46 14.51 22.93
C SER C 12 22.20 14.05 23.71
N ASN C 13 22.30 14.01 25.04
CA ASN C 13 21.14 13.76 25.91
C ASN C 13 20.04 14.79 25.74
N GLN C 14 20.43 16.06 25.65
CA GLN C 14 19.51 17.18 25.53
C GLN C 14 18.76 17.12 24.20
N LEU C 15 19.57 16.99 23.15
CA LEU C 15 19.13 16.80 21.77
C LEU C 15 18.15 15.64 21.63
N THR C 16 18.45 14.54 22.30
CA THR C 16 17.60 13.37 22.31
C THR C 16 16.19 13.66 22.84
N ALA C 17 16.12 14.37 23.96
CA ALA C 17 14.83 14.72 24.54
C ALA C 17 13.98 15.62 23.65
N TYR C 18 14.60 16.62 23.01
CA TYR C 18 13.89 17.54 22.13
C TYR C 18 13.33 16.78 20.93
N THR C 19 14.18 15.98 20.30
CA THR C 19 13.78 15.15 19.16
C THR C 19 12.63 14.23 19.55
N LEU C 20 12.73 13.64 20.73
CA LEU C 20 11.69 12.78 21.25
C LEU C 20 10.37 13.50 21.44
N ARG C 21 10.47 14.75 21.85
CA ARG C 21 9.31 15.57 22.04
C ARG C 21 8.55 15.74 20.75
N LEU C 22 9.29 16.02 19.69
CA LEU C 22 8.66 16.21 18.40
C LEU C 22 8.02 14.94 17.88
N GLY C 23 8.74 13.83 18.01
CA GLY C 23 8.18 12.54 17.68
C GLY C 23 6.91 12.24 18.44
N ASP C 24 6.95 12.45 19.74
CA ASP C 24 5.82 12.13 20.60
C ASP C 24 4.60 12.96 20.23
N ASN C 25 4.82 14.24 19.94
CA ASN C 25 3.75 15.11 19.47
C ASN C 25 3.07 14.45 18.30
N CYS C 26 3.88 13.95 17.37
CA CYS C 26 3.39 13.40 16.12
C CYS C 26 2.74 12.03 16.31
N LEU C 27 3.35 11.26 17.21
CA LEU C 27 2.89 9.92 17.51
C LEU C 27 1.50 9.91 18.12
N VAL C 28 1.34 10.73 19.16
CA VAL C 28 0.12 10.76 19.95
C VAL C 28 -1.04 11.27 19.12
N LEU C 29 -0.75 12.27 18.29
CA LEU C 29 -1.78 12.84 17.43
C LEU C 29 -2.19 11.88 16.34
N SER C 30 -1.20 11.20 15.77
CA SER C 30 -1.43 10.11 14.83
C SER C 30 -2.39 9.08 15.38
N GLN C 31 -2.14 8.69 16.63
CA GLN C 31 -3.01 7.75 17.35
C GLN C 31 -4.45 8.22 17.34
N ARG C 32 -4.63 9.50 17.66
CA ARG C 32 -5.96 10.07 17.77
C ARG C 32 -6.73 10.01 16.46
N LEU C 33 -6.03 10.34 15.39
CA LEU C 33 -6.61 10.38 14.07
C LEU C 33 -7.02 8.98 13.63
N GLY C 34 -6.22 7.99 14.05
CA GLY C 34 -6.58 6.61 13.84
C GLY C 34 -7.99 6.22 14.26
N GLU C 35 -8.47 6.79 15.35
CA GLU C 35 -9.81 6.48 15.85
C GLU C 35 -10.87 6.98 14.88
N TRP C 36 -10.48 7.93 14.03
CA TRP C 36 -11.41 8.49 13.05
C TRP C 36 -11.71 7.60 11.87
N CYS C 37 -10.80 6.70 11.55
CA CYS C 37 -10.94 5.80 10.40
C CYS C 37 -12.34 5.21 10.22
N GLY C 38 -13.04 5.62 9.17
CA GLY C 38 -14.33 5.03 8.88
C GLY C 38 -15.52 5.65 9.60
N HIS C 39 -15.29 6.75 10.32
CA HIS C 39 -16.38 7.40 11.06
C HIS C 39 -16.66 8.83 10.62
N ALA C 40 -16.04 9.24 9.52
CA ALA C 40 -16.11 10.63 9.08
C ALA C 40 -17.42 10.91 8.34
N PRO C 41 -17.80 12.19 8.25
CA PRO C 41 -19.01 12.62 7.51
C PRO C 41 -18.96 12.23 6.03
N GLU C 42 -17.76 12.16 5.45
CA GLU C 42 -17.59 11.79 4.05
C GLU C 42 -16.34 10.95 3.86
N LEU C 43 -16.38 10.08 2.86
CA LEU C 43 -15.25 9.26 2.47
C LEU C 43 -14.05 10.15 2.22
N GLU C 44 -14.30 11.30 1.59
CA GLU C 44 -13.27 12.29 1.39
C GLU C 44 -12.58 12.73 2.66
N ILE C 45 -13.32 12.94 3.74
CA ILE C 45 -12.68 13.25 5.01
C ILE C 45 -11.90 12.10 5.63
N ASP C 46 -12.46 10.90 5.58
CA ASP C 46 -11.77 9.69 6.03
C ASP C 46 -10.42 9.60 5.36
N LEU C 47 -10.42 9.76 4.05
CA LEU C 47 -9.20 9.73 3.25
C LEU C 47 -8.26 10.79 3.75
N ALA C 48 -8.74 12.02 3.84
CA ALA C 48 -7.90 13.11 4.31
C ALA C 48 -7.32 12.83 5.71
N LEU C 49 -8.16 12.38 6.64
CA LEU C 49 -7.70 12.15 8.01
C LEU C 49 -6.71 11.00 8.11
N ALA C 50 -6.94 9.97 7.31
CA ALA C 50 -6.02 8.83 7.30
C ALA C 50 -4.70 9.25 6.69
N ASN C 51 -4.79 10.04 5.63
CA ASN C 51 -3.61 10.63 5.01
C ASN C 51 -2.79 11.45 5.99
N ILE C 52 -3.46 12.32 6.75
CA ILE C 52 -2.75 13.15 7.74
C ILE C 52 -2.16 12.32 8.87
N GLY C 53 -2.94 11.38 9.39
CA GLY C 53 -2.44 10.44 10.38
C GLY C 53 -1.18 9.73 9.93
N LEU C 54 -1.21 9.26 8.67
CA LEU C 54 -0.08 8.55 8.06
C LEU C 54 1.15 9.42 7.92
N ASP C 55 0.95 10.63 7.42
CA ASP C 55 2.03 11.59 7.31
C ASP C 55 2.68 11.78 8.69
N LEU C 56 1.85 12.07 9.69
CA LEU C 56 2.33 12.33 11.05
C LEU C 56 3.09 11.17 11.65
N LEU C 57 2.60 9.96 11.43
CA LEU C 57 3.26 8.74 11.87
C LEU C 57 4.65 8.53 11.27
N GLY C 58 4.77 8.81 9.98
CA GLY C 58 6.06 8.84 9.31
C GLY C 58 7.09 9.74 9.98
N GLN C 59 6.62 10.91 10.38
CA GLN C 59 7.46 11.89 11.08
C GLN C 59 7.89 11.41 12.47
N ALA C 60 6.96 10.79 13.18
CA ALA C 60 7.23 10.23 14.48
C ALA C 60 8.35 9.20 14.37
N ARG C 61 8.19 8.25 13.44
CA ARG C 61 9.21 7.24 13.16
C ARG C 61 10.56 7.87 12.87
N ASN C 62 10.53 8.90 12.04
CA ASN C 62 11.72 9.66 11.69
C ASN C 62 12.34 10.24 12.96
N PHE C 63 11.56 10.98 13.76
CA PHE C 63 12.08 11.55 15.01
C PHE C 63 12.59 10.53 16.02
N LEU C 64 11.75 9.52 16.24
CA LEU C 64 12.05 8.45 17.17
C LEU C 64 13.24 7.60 16.76
N SER C 65 13.34 7.30 15.47
CA SER C 65 14.47 6.52 15.00
C SER C 65 15.78 7.27 15.29
N TYR C 66 15.76 8.60 15.14
CA TYR C 66 16.95 9.43 15.35
C TYR C 66 17.29 9.55 16.83
N ALA C 67 16.26 9.69 17.64
CA ALA C 67 16.40 9.66 19.09
C ALA C 67 17.04 8.37 19.61
N ALA C 68 16.63 7.23 19.05
CA ALA C 68 17.23 5.95 19.43
C ALA C 68 18.68 5.85 19.02
N GLU C 69 19.00 6.34 17.82
CA GLU C 69 20.38 6.40 17.35
C GLU C 69 21.22 7.32 18.24
N LEU C 70 20.62 8.41 18.68
CA LEU C 70 21.26 9.36 19.58
C LEU C 70 21.55 8.77 20.96
N ALA C 71 20.60 7.96 21.44
CA ALA C 71 20.70 7.33 22.75
C ALA C 71 21.61 6.10 22.72
N GLY C 72 21.86 5.60 21.52
CA GLY C 72 22.72 4.45 21.33
C GLY C 72 22.03 3.12 21.60
N GLU C 73 20.72 3.13 21.75
CA GLU C 73 20.00 1.89 22.00
C GLU C 73 18.54 1.97 21.63
N GLY C 74 17.92 0.80 21.45
CA GLY C 74 16.51 0.75 21.08
C GLY C 74 16.24 1.25 19.67
N ASP C 75 14.97 1.52 19.40
CA ASP C 75 14.50 1.94 18.08
C ASP C 75 13.12 2.56 18.26
N GLU C 76 12.47 2.91 17.16
CA GLU C 76 11.19 3.61 17.21
C GLU C 76 10.15 2.85 17.98
N ASP C 77 10.31 1.53 17.98
CA ASP C 77 9.34 0.66 18.62
C ASP C 77 9.53 0.53 20.13
N THR C 78 10.77 0.38 20.58
CA THR C 78 11.04 0.39 22.03
C THR C 78 10.56 1.68 22.67
N LEU C 79 10.79 2.78 21.97
CA LEU C 79 10.44 4.11 22.47
C LEU C 79 8.94 4.31 22.54
N ALA C 80 8.24 3.87 21.51
CA ALA C 80 6.80 4.03 21.42
C ALA C 80 6.08 3.06 22.34
N PHE C 81 6.62 1.85 22.47
CA PHE C 81 5.91 0.76 23.16
C PHE C 81 6.40 0.39 24.58
N THR C 82 7.56 0.86 24.99
CA THR C 82 8.08 0.44 26.29
C THR C 82 8.22 1.60 27.29
N ARG C 83 7.84 2.79 26.85
CA ARG C 83 7.76 3.89 27.78
C ARG C 83 6.37 4.04 28.42
N ASP C 84 6.30 4.51 29.65
CA ASP C 84 4.97 4.73 30.21
C ASP C 84 4.60 6.20 30.11
N GLU C 85 3.44 6.58 30.64
CA GLU C 85 2.95 7.94 30.42
C GLU C 85 3.80 9.01 31.12
N ARG C 86 4.55 8.61 32.16
CA ARG C 86 5.46 9.53 32.84
C ARG C 86 6.77 9.79 32.07
N GLN C 87 7.02 8.99 31.04
CA GLN C 87 8.23 9.14 30.22
C GLN C 87 7.93 9.85 28.90
N PHE C 88 6.69 9.70 28.44
CA PHE C 88 6.19 10.36 27.23
C PHE C 88 6.23 11.90 27.30
N SER C 89 6.53 12.56 26.17
CA SER C 89 6.83 14.01 26.19
C SER C 89 6.06 14.83 25.17
N ASN C 90 4.93 14.28 24.70
CA ASN C 90 4.08 14.99 23.76
C ASN C 90 3.42 16.20 24.40
N LEU C 91 3.11 17.18 23.57
CA LEU C 91 2.25 18.32 23.94
C LEU C 91 0.92 17.79 24.49
N LEU C 92 0.34 18.48 25.45
CA LEU C 92 -0.95 18.06 25.98
C LEU C 92 -2.05 18.14 24.94
N LEU C 93 -1.85 19.05 24.00
CA LEU C 93 -2.84 19.33 22.97
C LEU C 93 -3.13 18.10 22.10
N VAL C 94 -2.10 17.37 21.70
CA VAL C 94 -2.29 16.27 20.77
C VAL C 94 -2.93 15.06 21.43
N GLU C 95 -2.95 15.05 22.76
CA GLU C 95 -3.56 13.94 23.50
C GLU C 95 -5.03 14.20 23.86
N GLN C 96 -5.51 15.39 23.51
CA GLN C 96 -6.91 15.73 23.75
C GLN C 96 -7.79 14.79 22.94
N PRO C 97 -8.97 14.43 23.47
CA PRO C 97 -9.85 13.51 22.75
C PRO C 97 -10.36 14.06 21.42
N ASN C 98 -10.82 13.17 20.54
CA ASN C 98 -11.31 13.58 19.24
C ASN C 98 -12.54 14.45 19.30
N GLY C 99 -13.39 14.19 20.30
CA GLY C 99 -14.65 14.89 20.42
C GLY C 99 -15.35 14.86 19.08
N ASN C 100 -15.96 15.98 18.73
CA ASN C 100 -16.71 16.10 17.48
C ASN C 100 -15.74 16.58 16.39
N PHE C 101 -16.23 16.67 15.15
CA PHE C 101 -15.35 17.01 14.04
C PHE C 101 -14.67 18.38 14.21
N ALA C 102 -15.38 19.33 14.83
CA ALA C 102 -14.80 20.64 15.14
C ALA C 102 -13.63 20.53 16.10
N ASP C 103 -13.82 19.72 17.13
CA ASP C 103 -12.78 19.49 18.12
C ASP C 103 -11.56 18.91 17.45
N THR C 104 -11.79 18.02 16.49
CA THR C 104 -10.68 17.43 15.79
C THR C 104 -10.01 18.47 14.93
N ILE C 105 -10.82 19.29 14.31
CA ILE C 105 -10.34 20.34 13.42
C ILE C 105 -9.60 21.43 14.17
N ALA C 106 -10.19 21.84 15.28
CA ALA C 106 -9.58 22.84 16.12
C ALA C 106 -8.21 22.40 16.59
N ARG C 107 -8.14 21.18 17.12
CA ARG C 107 -6.91 20.66 17.66
C ARG C 107 -5.89 20.63 16.53
N GLN C 108 -6.34 20.11 15.40
CA GLN C 108 -5.53 19.97 14.20
C GLN C 108 -5.00 21.29 13.67
N TYR C 109 -5.86 22.29 13.62
CA TYR C 109 -5.47 23.61 13.10
C TYR C 109 -4.37 24.25 13.95
N PHE C 110 -4.50 24.14 15.26
CA PHE C 110 -3.52 24.70 16.16
C PHE C 110 -2.17 24.03 15.98
N ILE C 111 -2.22 22.72 15.83
CA ILE C 111 -1.02 21.92 15.66
C ILE C 111 -0.38 22.14 14.30
N ASP C 112 -1.20 22.14 13.27
CA ASP C 112 -0.71 22.35 11.92
C ASP C 112 -0.04 23.71 11.81
N ALA C 113 -0.69 24.74 12.35
CA ALA C 113 -0.14 26.09 12.39
C ALA C 113 1.22 26.15 13.12
N TRP C 114 1.36 25.35 14.18
CA TRP C 114 2.55 25.32 15.00
C TRP C 114 3.68 24.59 14.30
N HIS C 115 3.31 23.47 13.69
CA HIS C 115 4.25 22.67 12.92
C HIS C 115 4.86 23.48 11.79
N VAL C 116 4.01 24.23 11.11
CA VAL C 116 4.45 25.10 10.03
C VAL C 116 5.46 26.13 10.51
N ALA C 117 5.10 26.85 11.55
CA ALA C 117 6.01 27.80 12.14
C ALA C 117 7.28 27.11 12.61
N LEU C 118 7.16 25.93 13.21
CA LEU C 118 8.34 25.27 13.73
C LEU C 118 9.23 24.69 12.65
N PHE C 119 8.65 23.85 11.82
CA PHE C 119 9.41 23.13 10.81
C PHE C 119 10.00 23.99 9.69
N THR C 120 9.32 25.09 9.37
CA THR C 120 9.84 26.06 8.41
C THR C 120 11.19 26.55 8.94
N ARG C 121 11.26 26.78 10.25
CA ARG C 121 12.44 27.31 10.91
C ARG C 121 13.43 26.23 11.33
N LEU C 122 12.91 25.08 11.74
CA LEU C 122 13.74 23.95 12.17
C LEU C 122 14.51 23.27 11.04
N MET C 123 14.13 23.54 9.79
CA MET C 123 14.86 23.07 8.61
C MET C 123 16.17 23.81 8.31
N GLU C 124 16.43 24.89 9.06
CA GLU C 124 17.72 25.58 9.02
C GLU C 124 18.64 25.23 10.20
N SER C 125 18.26 24.18 10.93
CA SER C 125 19.05 23.63 12.02
C SER C 125 20.49 23.30 11.61
N ARG C 126 21.45 23.66 12.46
CA ARG C 126 22.83 23.23 12.24
C ARG C 126 23.00 21.71 12.42
N ASP C 127 21.98 21.04 12.95
CA ASP C 127 21.95 19.58 13.00
C ASP C 127 21.35 18.99 11.72
N PRO C 128 22.19 18.28 10.95
CA PRO C 128 21.85 17.76 9.62
C PRO C 128 20.67 16.79 9.61
N GLN C 129 20.54 15.96 10.64
CA GLN C 129 19.44 14.99 10.68
C GLN C 129 18.11 15.68 10.93
N LEU C 130 18.13 16.68 11.80
CA LEU C 130 16.95 17.49 12.10
C LEU C 130 16.50 18.23 10.85
N ALA C 131 17.48 18.69 10.08
CA ALA C 131 17.19 19.45 8.89
C ALA C 131 16.48 18.58 7.86
N ALA C 132 16.96 17.35 7.65
CA ALA C 132 16.37 16.47 6.66
C ALA C 132 14.95 16.09 7.08
N ILE C 133 14.81 15.72 8.35
CA ILE C 133 13.51 15.36 8.92
C ILE C 133 12.53 16.52 8.77
N SER C 134 13.05 17.73 8.96
CA SER C 134 12.25 18.96 8.93
C SER C 134 11.86 19.37 7.51
N ALA C 135 12.76 19.09 6.57
CA ALA C 135 12.53 19.33 5.14
C ALA C 135 11.38 18.51 4.60
N LYS C 136 11.33 17.26 5.06
CA LYS C 136 10.25 16.34 4.75
C LYS C 136 8.95 16.79 5.42
N ALA C 137 8.98 17.00 6.74
CA ALA C 137 7.76 17.34 7.48
C ALA C 137 7.04 18.60 6.98
N ILE C 138 7.80 19.64 6.65
CA ILE C 138 7.20 20.90 6.21
C ILE C 138 6.27 20.76 4.99
N LYS C 139 6.69 19.96 4.01
CA LYS C 139 5.89 19.79 2.81
C LYS C 139 4.56 19.16 3.18
N GLU C 140 4.59 18.24 4.12
CA GLU C 140 3.38 17.56 4.57
C GLU C 140 2.50 18.48 5.43
N ALA C 141 3.12 19.17 6.37
CA ALA C 141 2.44 20.10 7.27
C ALA C 141 1.66 21.18 6.53
N ARG C 142 2.21 21.62 5.41
CA ARG C 142 1.55 22.58 4.54
C ARG C 142 0.19 22.10 4.05
N TYR C 143 0.16 20.84 3.62
CA TYR C 143 -1.08 20.17 3.29
C TYR C 143 -2.03 20.10 4.47
N HIS C 144 -1.52 19.75 5.65
CA HIS C 144 -2.35 19.65 6.85
C HIS C 144 -3.05 20.94 7.21
N LEU C 145 -2.29 22.03 7.15
CA LEU C 145 -2.77 23.34 7.53
C LEU C 145 -3.84 23.82 6.54
N ARG C 146 -3.60 23.57 5.27
CA ARG C 146 -4.57 23.90 4.22
C ARG C 146 -5.90 23.20 4.50
N PHE C 147 -5.84 21.91 4.84
CA PHE C 147 -7.04 21.13 5.16
C PHE C 147 -7.73 21.58 6.43
N SER C 148 -6.94 21.78 7.48
CA SER C 148 -7.49 22.13 8.78
C SER C 148 -8.04 23.57 8.79
N ARG C 149 -7.27 24.52 8.26
CA ARG C 149 -7.77 25.89 8.11
C ARG C 149 -8.99 25.93 7.22
N GLY C 150 -8.93 25.14 6.15
CA GLY C 150 -10.02 25.00 5.21
C GLY C 150 -11.32 24.60 5.89
N TRP C 151 -11.22 23.60 6.75
CA TRP C 151 -12.40 23.12 7.45
C TRP C 151 -12.85 24.08 8.52
N LEU C 152 -11.90 24.77 9.13
CA LEU C 152 -12.19 25.82 10.10
C LEU C 152 -13.08 26.90 9.47
N GLU C 153 -12.72 27.30 8.26
CA GLU C 153 -13.47 28.31 7.53
C GLU C 153 -14.83 27.78 7.13
N ARG C 154 -14.87 26.51 6.69
CA ARG C 154 -16.13 25.91 6.29
C ARG C 154 -17.09 25.75 7.47
N LEU C 155 -16.59 25.43 8.67
CA LEU C 155 -17.46 25.26 9.83
C LEU C 155 -17.84 26.60 10.50
N GLY C 156 -16.86 27.47 10.70
CA GLY C 156 -17.12 28.75 11.35
C GLY C 156 -17.99 29.65 10.51
N ASN C 157 -17.81 29.56 9.20
CA ASN C 157 -18.61 30.35 8.26
C ASN C 157 -19.51 29.41 7.48
N GLY C 158 -20.09 28.46 8.21
CA GLY C 158 -20.97 27.49 7.61
C GLY C 158 -22.44 27.72 7.91
N THR C 159 -22.98 26.90 8.82
CA THR C 159 -24.32 27.12 9.32
C THR C 159 -24.24 27.78 10.68
N ASP C 160 -25.40 28.14 11.23
CA ASP C 160 -25.48 28.66 12.59
C ASP C 160 -24.89 27.66 13.59
N VAL C 161 -25.27 26.39 13.46
CA VAL C 161 -24.85 25.32 14.38
C VAL C 161 -23.36 24.99 14.39
N SER C 162 -22.76 24.94 13.20
CA SER C 162 -21.34 24.63 13.09
C SER C 162 -20.46 25.79 13.55
N GLY C 163 -20.89 27.01 13.30
CA GLY C 163 -20.19 28.17 13.85
C GLY C 163 -20.04 28.14 15.37
N GLN C 164 -21.12 27.78 16.07
CA GLN C 164 -21.10 27.65 17.52
C GLN C 164 -20.24 26.50 18.00
N LYS C 165 -20.37 25.35 17.34
CA LYS C 165 -19.58 24.18 17.70
C LYS C 165 -18.10 24.49 17.50
N MET C 166 -17.80 25.27 16.47
CA MET C 166 -16.43 25.64 16.18
C MET C 166 -15.87 26.60 17.26
N GLN C 167 -16.70 27.55 17.71
CA GLN C 167 -16.30 28.40 18.83
C GLN C 167 -16.03 27.67 20.15
N GLN C 168 -16.95 26.79 20.56
CA GLN C 168 -16.78 26.00 21.78
C GLN C 168 -15.54 25.09 21.68
N ALA C 169 -15.33 24.50 20.50
CA ALA C 169 -14.17 23.62 20.28
C ALA C 169 -12.90 24.43 20.45
N ILE C 170 -12.91 25.63 19.88
CA ILE C 170 -11.77 26.52 20.00
C ILE C 170 -11.59 26.86 21.48
N ASN C 171 -12.70 27.22 22.12
CA ASN C 171 -12.73 27.56 23.53
C ASN C 171 -12.19 26.45 24.44
N LYS C 172 -12.59 25.24 24.09
CA LYS C 172 -12.35 24.07 24.93
C LYS C 172 -10.89 23.64 24.85
N LEU C 173 -10.21 24.03 23.77
CA LEU C 173 -8.82 23.63 23.59
C LEU C 173 -7.83 24.74 23.93
N TRP C 174 -8.32 25.97 24.06
CA TRP C 174 -7.42 27.11 24.17
C TRP C 174 -6.37 27.00 25.27
N ARG C 175 -6.80 26.54 26.44
CA ARG C 175 -5.92 26.56 27.62
C ARG C 175 -4.64 25.76 27.41
N PHE C 176 -4.71 24.83 26.48
CA PHE C 176 -3.58 23.97 26.18
C PHE C 176 -2.61 24.64 25.22
N THR C 177 -3.00 25.79 24.68
CA THR C 177 -2.15 26.50 23.72
C THR C 177 -0.91 27.12 24.33
N ALA C 178 -0.96 27.33 25.64
CA ALA C 178 0.15 27.92 26.36
C ALA C 178 1.44 27.11 26.19
N GLU C 179 1.29 25.80 26.20
CA GLU C 179 2.40 24.88 26.04
C GLU C 179 3.18 25.02 24.74
N LEU C 180 2.52 25.59 23.74
CA LEU C 180 3.16 25.76 22.45
C LEU C 180 4.38 26.68 22.47
N PHE C 181 4.41 27.58 23.43
CA PHE C 181 5.47 28.57 23.49
C PHE C 181 6.23 28.56 24.81
N ASP C 182 6.02 27.50 25.57
CA ASP C 182 6.73 27.28 26.83
C ASP C 182 8.14 26.81 26.47
N ALA C 183 9.14 27.48 27.04
CA ALA C 183 10.55 27.13 26.84
C ALA C 183 11.21 26.65 28.13
N ASP C 184 11.89 25.51 28.05
CA ASP C 184 12.78 25.03 29.12
C ASP C 184 14.27 25.11 28.77
N GLU C 185 15.11 24.54 29.64
CA GLU C 185 16.54 24.68 29.45
C GLU C 185 17.10 23.83 28.31
N ILE C 186 16.34 22.81 27.89
CA ILE C 186 16.67 22.04 26.69
C ILE C 186 16.48 22.86 25.43
N ASP C 187 15.29 23.45 25.27
CA ASP C 187 15.01 24.33 24.13
C ASP C 187 16.09 25.38 23.99
N ILE C 188 16.31 26.10 25.09
CA ILE C 188 17.17 27.26 25.11
C ILE C 188 18.62 26.89 24.85
N ALA C 189 19.13 25.88 25.55
CA ALA C 189 20.52 25.47 25.37
C ALA C 189 20.75 25.05 23.93
N LEU C 190 19.82 24.28 23.40
CA LEU C 190 19.94 23.81 22.03
C LEU C 190 19.71 24.97 21.05
N SER C 191 18.88 25.93 21.44
CA SER C 191 18.66 27.14 20.64
C SER C 191 19.88 28.06 20.60
N GLU C 192 20.66 28.05 21.67
CA GLU C 192 21.87 28.86 21.74
C GLU C 192 23.01 28.22 20.97
N GLU C 193 22.95 26.90 20.80
CA GLU C 193 23.91 26.19 19.95
C GLU C 193 23.44 26.25 18.49
N GLY C 194 22.32 26.95 18.27
CA GLY C 194 21.76 27.10 16.94
C GLY C 194 21.11 25.85 16.38
N ILE C 195 20.63 24.99 17.28
CA ILE C 195 20.12 23.69 16.89
C ILE C 195 18.59 23.56 16.94
N ALA C 196 18.01 23.94 18.06
CA ALA C 196 16.55 23.92 18.23
C ALA C 196 15.93 25.29 18.00
N VAL C 197 14.62 25.33 17.86
CA VAL C 197 13.86 26.58 17.88
C VAL C 197 13.27 26.86 19.26
N ASP C 198 13.53 28.05 19.80
CA ASP C 198 12.95 28.55 21.05
C ASP C 198 11.45 28.79 20.80
N PRO C 199 10.58 27.99 21.44
CA PRO C 199 9.14 28.02 21.17
C PRO C 199 8.50 29.39 21.38
N ARG C 200 9.12 30.22 22.20
CA ARG C 200 8.58 31.54 22.46
C ARG C 200 8.60 32.39 21.20
N THR C 201 9.61 32.17 20.35
CA THR C 201 9.76 32.94 19.13
C THR C 201 8.85 32.42 18.02
N LEU C 202 8.06 31.41 18.35
CA LEU C 202 7.09 30.85 17.42
C LEU C 202 5.75 31.58 17.60
N ARG C 203 5.67 32.42 18.63
CA ARG C 203 4.41 33.02 19.06
C ARG C 203 3.82 33.95 18.01
N ALA C 204 4.67 34.84 17.48
CA ALA C 204 4.29 35.84 16.50
C ALA C 204 3.66 35.24 15.25
N ALA C 205 4.27 34.17 14.74
CA ALA C 205 3.78 33.51 13.53
C ALA C 205 2.50 32.71 13.73
N TRP C 206 2.44 31.99 14.85
CA TRP C 206 1.28 31.20 15.18
C TRP C 206 0.09 32.11 15.37
N GLU C 207 0.29 33.15 16.16
CA GLU C 207 -0.77 34.10 16.41
C GLU C 207 -1.20 34.82 15.13
N ALA C 208 -0.24 35.22 14.29
CA ALA C 208 -0.56 35.88 13.03
C ALA C 208 -1.38 35.01 12.08
N GLU C 209 -1.06 33.72 12.06
CA GLU C 209 -1.79 32.75 11.26
C GLU C 209 -3.14 32.47 11.88
N VAL C 210 -3.09 31.96 13.10
CA VAL C 210 -4.28 31.48 13.80
C VAL C 210 -5.33 32.55 14.05
N PHE C 211 -4.89 33.74 14.43
CA PHE C 211 -5.83 34.82 14.66
C PHE C 211 -6.54 35.17 13.37
N ALA C 212 -5.77 35.18 12.28
CA ALA C 212 -6.30 35.47 10.96
C ALA C 212 -7.22 34.36 10.52
N GLY C 213 -6.77 33.14 10.74
CA GLY C 213 -7.54 31.96 10.42
C GLY C 213 -8.84 31.98 11.20
N ILE C 214 -8.75 32.37 12.47
CA ILE C 214 -9.94 32.50 13.30
C ILE C 214 -10.77 33.62 12.72
N ASN C 215 -10.11 34.74 12.40
CA ASN C 215 -10.78 35.86 11.76
C ASN C 215 -11.52 35.61 10.44
N GLU C 216 -10.85 35.00 9.45
CA GLU C 216 -11.51 34.76 8.16
C GLU C 216 -12.69 33.81 8.28
N ALA C 217 -12.59 32.86 9.20
CA ALA C 217 -13.69 31.95 9.50
C ALA C 217 -14.82 32.60 10.30
N THR C 218 -14.68 33.89 10.60
CA THR C 218 -15.65 34.63 11.41
C THR C 218 -15.81 34.19 12.87
N LEU C 219 -14.74 33.77 13.54
CA LEU C 219 -14.90 33.31 14.92
C LEU C 219 -14.13 34.23 15.87
N ASN C 220 -14.23 33.96 17.18
CA ASN C 220 -13.59 34.83 18.16
C ASN C 220 -12.47 34.12 18.91
N VAL C 221 -11.34 34.80 19.07
CA VAL C 221 -10.27 34.34 19.94
C VAL C 221 -10.64 34.50 21.41
N PRO C 222 -10.52 33.41 22.19
CA PRO C 222 -10.84 33.48 23.62
C PRO C 222 -9.96 34.51 24.34
N GLN C 223 -10.50 35.21 25.34
CA GLN C 223 -9.72 36.18 26.10
C GLN C 223 -9.10 35.56 27.35
N GLU C 224 -9.59 34.38 27.73
CA GLU C 224 -8.97 33.60 28.78
C GLU C 224 -7.51 33.44 28.40
N GLN C 225 -6.61 33.80 29.32
CA GLN C 225 -5.21 33.48 29.18
C GLN C 225 -4.93 32.00 29.33
N ALA C 226 -4.39 31.39 28.27
CA ALA C 226 -4.05 29.96 28.27
C ALA C 226 -3.00 29.68 29.34
N TYR C 227 -3.13 28.55 30.04
CA TYR C 227 -2.33 28.31 31.24
C TYR C 227 -1.85 26.87 31.45
N ARG C 228 -2.20 25.96 30.55
CA ARG C 228 -1.86 24.56 30.79
C ARG C 228 -0.59 24.10 30.08
N THR C 229 0.35 23.59 30.87
CA THR C 229 1.60 23.00 30.37
C THR C 229 1.88 21.74 31.20
N GLY C 230 2.83 20.95 30.75
CA GLY C 230 3.33 19.85 31.55
C GLY C 230 3.65 18.62 30.72
N GLY C 231 3.06 18.54 29.53
CA GLY C 231 3.28 17.39 28.67
C GLY C 231 4.76 17.13 28.42
N LYS C 232 5.52 18.18 28.14
CA LYS C 232 6.96 18.04 27.88
C LYS C 232 7.73 17.52 29.09
N LYS C 233 7.21 17.70 30.30
CA LYS C 233 7.88 17.24 31.51
C LYS C 233 7.37 15.87 31.95
N GLY C 234 6.58 15.22 31.11
CA GLY C 234 5.93 13.97 31.48
C GLY C 234 4.77 14.14 32.44
N LEU C 235 4.25 15.35 32.55
CA LEU C 235 3.09 15.60 33.39
C LEU C 235 1.82 15.79 32.55
N HIS C 236 1.08 14.70 32.36
CA HIS C 236 0.01 14.63 31.35
C HIS C 236 -1.37 14.73 31.94
N THR C 237 -2.36 14.98 31.07
CA THR C 237 -3.74 14.80 31.44
C THR C 237 -4.05 13.33 31.71
N GLU C 238 -5.21 13.07 32.32
CA GLU C 238 -5.69 11.72 32.52
C GLU C 238 -6.07 10.99 31.24
N HIS C 239 -5.97 11.70 30.10
CA HIS C 239 -6.22 11.12 28.78
C HIS C 239 -5.13 10.22 28.24
N LEU C 240 -3.89 10.55 28.55
CA LEU C 240 -2.77 9.86 27.93
C LEU C 240 -2.69 8.38 28.32
N GLY C 241 -2.81 8.12 29.61
CA GLY C 241 -2.74 6.77 30.15
C GLY C 241 -3.52 5.73 29.38
N PRO C 242 -4.84 5.95 29.21
CA PRO C 242 -5.68 5.00 28.46
C PRO C 242 -5.32 4.84 26.98
N MET C 243 -4.87 5.93 26.37
CA MET C 243 -4.34 5.90 25.01
C MET C 243 -3.21 4.90 24.91
N LEU C 244 -2.28 4.94 25.87
CA LEU C 244 -1.11 4.05 25.81
C LEU C 244 -1.44 2.61 26.12
N ALA C 245 -2.38 2.40 27.02
CA ALA C 245 -2.80 1.04 27.36
C ALA C 245 -3.25 0.33 26.11
N GLU C 246 -3.95 1.07 25.27
CA GLU C 246 -4.47 0.54 24.04
C GLU C 246 -3.36 0.38 23.03
N MET C 247 -2.56 1.42 22.85
CA MET C 247 -1.46 1.41 21.90
C MET C 247 -0.39 0.32 22.11
N GLN C 248 -0.07 0.04 23.37
CA GLN C 248 1.08 -0.81 23.71
C GLN C 248 0.75 -2.25 24.03
N TYR C 249 -0.54 -2.55 24.16
CA TYR C 249 -1.03 -3.83 24.64
C TYR C 249 -0.28 -5.03 24.09
N LEU C 250 -0.31 -5.13 22.78
CA LEU C 250 0.23 -6.29 22.13
C LEU C 250 1.74 -6.43 22.39
N GLN C 251 2.44 -5.31 22.37
CA GLN C 251 3.87 -5.34 22.65
C GLN C 251 4.15 -5.73 24.10
N ARG C 252 3.27 -5.31 24.98
CA ARG C 252 3.43 -5.61 26.38
C ARG C 252 3.18 -7.08 26.67
N VAL C 253 2.17 -7.65 26.04
CA VAL C 253 1.87 -9.06 26.18
C VAL C 253 2.99 -9.91 25.59
N LEU C 254 3.49 -9.51 24.42
CA LEU C 254 4.48 -10.30 23.69
C LEU C 254 5.73 -9.49 23.34
N PRO C 255 6.47 -9.08 24.37
CA PRO C 255 7.62 -8.18 24.20
C PRO C 255 8.80 -8.81 23.45
N GLY C 256 9.61 -7.96 22.83
CA GLY C 256 10.87 -8.35 22.25
C GLY C 256 10.75 -9.24 21.04
N GLN C 257 9.70 -9.02 20.25
CA GLN C 257 9.44 -9.85 19.07
C GLN C 257 9.54 -9.03 17.79
N GLN C 258 9.50 -9.73 16.67
CA GLN C 258 9.45 -9.11 15.35
C GLN C 258 8.07 -9.29 14.75
N TRP C 259 7.58 -8.26 14.06
CA TRP C 259 6.20 -8.20 13.56
C TRP C 259 6.14 -7.83 12.08
N1A BYC D . -20.98 -11.16 -0.48
O1A BYC D . -25.60 -14.53 -8.60
P1A BYC D . -24.64 -14.05 -7.48
C1B BYC D . -13.27 -6.02 -2.80
C1D BYC D . -24.76 -11.90 -3.83
S1P BYC D . -14.47 -6.89 -1.86
C2A BYC D . -22.18 -10.55 -0.51
O2A BYC D . -23.40 -14.80 -7.57
P2A BYC D . -23.17 -12.10 -8.73
C2D BYC D . -24.89 -11.16 -5.05
O2D BYC D . -24.49 -9.87 -4.94
N3A BYC D . -23.09 -10.82 -1.44
O3A BYC D . -24.30 -12.50 -7.69
C3D BYC D . -26.36 -11.25 -5.31
O3D BYC D . -26.92 -10.27 -4.59
P3D BYC D . -27.99 -9.29 -5.25
C4A BYC D . -22.83 -11.74 -2.39
O4A BYC D . -23.28 -10.61 -9.01
C4D BYC D . -26.66 -12.68 -4.81
O4D BYC D . -25.73 -12.75 -3.55
O5A BYC D . -23.34 -12.87 -10.01
C5D BYC D . -26.61 -13.84 -5.76
O5D BYC D . -25.28 -14.20 -6.05
C5M BYC D . -21.61 -12.40 -2.38
C5P BYC D . -17.13 -8.20 -4.54
O5P BYC D . -17.99 -7.15 -4.43
C6A BYC D . -20.67 -12.09 -1.39
N6A BYC D . -19.45 -12.73 -1.36
O6A BYC D . -21.73 -12.45 -8.02
C6P BYC D . -16.40 -8.13 -5.89
N7A BYC D . -21.60 -13.26 -3.42
O7A BYC D . -28.88 -8.86 -4.10
C7P BYC D . -17.25 -7.31 -6.95
C8A BYC D . -22.76 -13.16 -4.06
O8A BYC D . -28.82 -10.09 -6.24
N8P BYC D . -18.50 -8.09 -7.40
N9A BYC D . -23.53 -12.23 -3.44
O9A BYC D . -27.33 -8.10 -5.91
C9P BYC D . -18.36 -9.21 -8.08
O9P BYC D . -17.33 -9.81 -8.68
CAP BYC D . -19.62 -9.98 -8.16
OAP BYC D . -20.61 -9.12 -7.71
CBP BYC D . -19.72 -11.26 -7.35
CCP BYC D . -21.20 -11.55 -7.08
CDP BYC D . -19.01 -11.10 -6.00
CEP BYC D . -19.11 -12.38 -8.08
#